data_9INY
#
_entry.id   9INY
#
_cell.length_a   1.00
_cell.length_b   1.00
_cell.length_c   1.00
_cell.angle_alpha   90.00
_cell.angle_beta   90.00
_cell.angle_gamma   90.00
#
_symmetry.space_group_name_H-M   'P 1'
#
_entity_poly.entity_id   1
_entity_poly.type   'polypeptide(L)'
_entity_poly.pdbx_seq_one_letter_code
;MSLQLLRNTRIFVSTVKTGHNKTNTQEILVQDDISWGQDSNSTDITVNEAGPRPTRGSKRFNDSLNAAEWSFSTYILPYK
DKNTSKQIVPDYMLWHALSSGRAINLEGTTGAHNNATNFMVNFKDNSYHELAMLHIYILTDKTWSYIDSCQINQAEVNVD
IEDIGRVTWSGNGNQLIPLDEQPFDPDQIGIDDETYMTIQGSYIKNKLTILKIKDMDTNKSYDIPITGGTFTINNNITYL
TPNVMSRVTIPIGSFTGAFELTGSLTAYLNDKSLGSMELYKDLIKTLKVVNRFEIALVLGGEYDDERPAAILVAKQAHVN
IPTIETDDVLGTSVEFKAIPSDLDAGDEGYLGFSSKYTRTTINNLIVNGDGATDAVTAITVKSAGNVTTLNRSATLQMSV
EVTPSSARNKEVTWAITAGDAATINATGLLRADASKTGAVTVEATAKDGSGVKGTKVITVTAGG
;
_entity_poly.pdbx_strand_id   A,B,C
#
# COMPACT_ATOMS: atom_id res chain seq x y z
N LEU A 3 23.00 -0.83 27.55
CA LEU A 3 22.32 -0.96 26.26
C LEU A 3 22.91 -2.10 25.44
N GLN A 4 22.17 -2.53 24.42
CA GLN A 4 22.60 -3.60 23.54
C GLN A 4 22.57 -3.11 22.10
N LEU A 5 23.68 -3.31 21.39
CA LEU A 5 23.85 -2.78 20.05
C LEU A 5 23.71 -3.87 19.00
N LEU A 6 23.23 -3.49 17.82
CA LEU A 6 23.10 -4.45 16.72
C LEU A 6 24.44 -4.76 16.08
N ARG A 7 25.44 -3.90 16.27
CA ARG A 7 26.74 -4.12 15.66
C ARG A 7 27.42 -5.35 16.23
N ASN A 8 27.12 -5.69 17.48
CA ASN A 8 27.77 -6.82 18.14
C ASN A 8 27.00 -8.13 17.99
N THR A 9 25.90 -8.15 17.22
CA THR A 9 25.10 -9.35 17.13
C THR A 9 25.85 -10.47 16.42
N ARG A 10 25.75 -11.67 16.98
CA ARG A 10 26.28 -12.89 16.39
C ARG A 10 25.18 -13.93 16.36
N ILE A 11 25.07 -14.65 15.26
CA ILE A 11 24.06 -15.70 15.10
C ILE A 11 24.79 -17.03 14.92
N PHE A 12 24.58 -17.92 15.88
CA PHE A 12 25.16 -19.26 15.84
C PHE A 12 24.09 -20.28 15.51
N VAL A 13 24.41 -21.17 14.58
CA VAL A 13 23.49 -22.21 14.13
C VAL A 13 24.02 -23.55 14.64
N SER A 14 23.19 -24.27 15.39
CA SER A 14 23.60 -25.50 16.03
C SER A 14 22.59 -26.60 15.72
N THR A 15 23.05 -27.85 15.79
CA THR A 15 22.22 -29.01 15.53
C THR A 15 21.73 -29.69 16.80
N VAL A 16 22.49 -29.59 17.90
CA VAL A 16 22.15 -30.28 19.14
C VAL A 16 22.13 -29.25 20.27
N LYS A 17 21.30 -29.50 21.27
CA LYS A 17 21.11 -28.52 22.34
C LYS A 17 22.27 -28.53 23.33
N THR A 18 22.52 -29.68 23.97
CA THR A 18 23.45 -29.74 25.10
C THR A 18 24.90 -29.58 24.65
N GLY A 19 25.40 -30.54 23.86
CA GLY A 19 26.77 -30.46 23.40
C GLY A 19 26.99 -29.34 22.42
N HIS A 20 28.20 -28.78 22.45
CA HIS A 20 28.52 -27.66 21.57
C HIS A 20 30.00 -27.61 21.25
N ASN A 21 30.39 -28.12 20.07
CA ASN A 21 31.76 -27.98 19.61
C ASN A 21 31.77 -27.29 18.26
N LYS A 22 32.96 -27.09 17.69
CA LYS A 22 33.09 -26.37 16.43
C LYS A 22 32.46 -27.14 15.26
N THR A 23 32.43 -28.47 15.35
CA THR A 23 31.81 -29.26 14.29
C THR A 23 30.29 -29.11 14.30
N ASN A 24 29.68 -29.16 15.49
CA ASN A 24 28.23 -29.13 15.56
C ASN A 24 27.67 -27.75 15.23
N THR A 25 28.38 -26.69 15.62
CA THR A 25 27.90 -25.33 15.43
C THR A 25 29.05 -24.40 15.06
N GLN A 26 28.73 -23.38 14.27
CA GLN A 26 29.66 -22.32 13.92
C GLN A 26 28.93 -20.98 13.99
N GLU A 27 29.59 -19.94 13.47
CA GLU A 27 29.04 -18.59 13.45
C GLU A 27 28.69 -18.21 12.02
N ILE A 28 27.59 -17.49 11.86
CA ILE A 28 27.16 -17.00 10.56
C ILE A 28 27.44 -15.51 10.46
N LEU A 29 28.20 -15.12 9.44
CA LEU A 29 28.60 -13.71 9.28
C LEU A 29 27.44 -12.91 8.71
N VAL A 30 26.45 -12.70 9.57
CA VAL A 30 25.21 -12.02 9.23
C VAL A 30 25.46 -10.55 8.91
N GLN A 31 24.61 -9.98 8.05
CA GLN A 31 24.60 -8.55 7.83
C GLN A 31 23.71 -7.86 8.87
N ASP A 32 23.53 -6.55 8.69
CA ASP A 32 22.68 -5.78 9.59
C ASP A 32 21.24 -5.77 9.11
N ASP A 33 20.69 -6.95 8.82
CA ASP A 33 19.29 -7.11 8.44
C ASP A 33 18.59 -8.14 9.30
N ILE A 34 19.12 -8.42 10.50
CA ILE A 34 18.56 -9.47 11.34
C ILE A 34 17.19 -9.04 11.84
N SER A 35 16.26 -9.99 11.91
CA SER A 35 14.93 -9.72 12.44
C SER A 35 14.36 -11.01 13.00
N TRP A 36 14.24 -11.09 14.33
CA TRP A 36 13.66 -12.26 14.98
C TRP A 36 12.62 -11.81 15.99
N GLY A 37 11.77 -12.74 16.39
CA GLY A 37 10.73 -12.44 17.35
C GLY A 37 9.61 -13.45 17.27
N GLN A 38 8.69 -13.33 18.22
CA GLN A 38 7.54 -14.21 18.31
C GLN A 38 6.28 -13.39 18.54
N ASP A 39 5.15 -13.91 18.07
CA ASP A 39 3.86 -13.25 18.19
C ASP A 39 2.86 -14.23 18.79
N SER A 40 1.79 -13.68 19.37
CA SER A 40 0.76 -14.47 20.01
C SER A 40 -0.61 -14.10 19.45
N ASN A 41 -1.50 -15.09 19.40
CA ASN A 41 -2.87 -14.91 18.93
C ASN A 41 -3.75 -14.58 20.13
N SER A 42 -4.30 -13.38 20.15
CA SER A 42 -5.11 -12.89 21.25
C SER A 42 -6.54 -12.67 20.78
N THR A 43 -7.50 -13.18 21.56
CA THR A 43 -8.91 -13.02 21.28
C THR A 43 -9.53 -12.05 22.27
N ASP A 44 -10.28 -11.08 21.75
CA ASP A 44 -10.94 -10.07 22.57
C ASP A 44 -12.42 -10.42 22.69
N ILE A 45 -12.91 -10.48 23.92
CA ILE A 45 -14.31 -10.81 24.20
C ILE A 45 -15.05 -9.51 24.49
N THR A 46 -16.05 -9.22 23.67
CA THR A 46 -16.86 -8.01 23.82
C THR A 46 -18.32 -8.42 23.95
N VAL A 47 -19.08 -7.59 24.67
CA VAL A 47 -20.49 -7.83 24.92
C VAL A 47 -21.30 -6.80 24.15
N ASN A 48 -22.30 -7.28 23.41
CA ASN A 48 -23.17 -6.43 22.59
C ASN A 48 -24.61 -6.86 22.84
N GLU A 49 -25.26 -6.22 23.81
CA GLU A 49 -26.64 -6.54 24.15
C GLU A 49 -27.49 -5.28 24.07
N ALA A 50 -28.75 -5.46 23.71
CA ALA A 50 -29.66 -4.34 23.51
C ALA A 50 -30.32 -3.94 24.82
N GLY A 51 -29.66 -3.06 25.56
CA GLY A 51 -30.22 -2.55 26.79
C GLY A 51 -30.12 -1.04 26.87
N PRO A 52 -30.69 -0.48 27.94
CA PRO A 52 -30.59 0.96 28.15
C PRO A 52 -29.21 1.38 28.62
N ARG A 53 -28.54 0.48 29.35
CA ARG A 53 -27.18 0.69 29.81
C ARG A 53 -26.27 -0.36 29.22
N PRO A 54 -25.54 -0.05 28.16
CA PRO A 54 -24.64 -1.05 27.57
C PRO A 54 -23.47 -1.36 28.49
N THR A 55 -22.94 -2.57 28.34
CA THR A 55 -21.80 -3.03 29.11
C THR A 55 -20.56 -2.86 28.23
N ARG A 56 -20.02 -1.65 28.21
CA ARG A 56 -18.86 -1.32 27.40
C ARG A 56 -17.61 -1.81 28.09
N GLY A 57 -17.13 -2.98 27.70
CA GLY A 57 -15.91 -3.54 28.26
C GLY A 57 -15.43 -4.68 27.38
N SER A 58 -14.16 -5.02 27.53
CA SER A 58 -13.57 -6.05 26.69
C SER A 58 -12.40 -6.76 27.37
N LYS A 59 -12.66 -7.93 27.93
CA LYS A 59 -11.56 -8.77 28.41
C LYS A 59 -10.79 -9.32 27.22
N ARG A 60 -9.47 -9.35 27.34
CA ARG A 60 -8.59 -9.89 26.30
C ARG A 60 -7.89 -11.13 26.81
N PHE A 61 -7.89 -12.19 26.02
CA PHE A 61 -7.30 -13.46 26.38
C PHE A 61 -6.25 -13.85 25.35
N ASN A 62 -5.13 -14.40 25.82
CA ASN A 62 -4.14 -15.01 24.96
C ASN A 62 -4.48 -16.50 24.83
N ASP A 63 -4.78 -16.93 23.61
CA ASP A 63 -5.27 -18.27 23.37
C ASP A 63 -4.22 -19.22 22.79
N SER A 64 -3.23 -18.71 22.06
CA SER A 64 -2.22 -19.58 21.47
C SER A 64 -1.00 -18.74 21.09
N LEU A 65 0.09 -19.44 20.81
CA LEU A 65 1.32 -18.83 20.34
C LEU A 65 1.53 -19.16 18.87
N ASN A 66 2.07 -18.21 18.13
CA ASN A 66 2.40 -18.42 16.72
C ASN A 66 3.77 -19.08 16.64
N ALA A 67 4.32 -19.18 15.44
CA ALA A 67 5.65 -19.74 15.24
C ALA A 67 6.68 -18.61 15.17
N ALA A 68 7.78 -18.80 15.88
CA ALA A 68 8.82 -17.79 15.92
C ALA A 68 9.40 -17.57 14.53
N GLU A 69 9.63 -16.30 14.20
CA GLU A 69 10.07 -15.90 12.87
C GLU A 69 11.44 -15.24 12.97
N TRP A 70 12.35 -15.64 12.10
CA TRP A 70 13.68 -15.07 12.03
C TRP A 70 14.12 -15.01 10.58
N SER A 71 14.83 -13.96 10.20
CA SER A 71 15.34 -13.81 8.83
C SER A 71 16.61 -12.97 8.86
N PHE A 72 17.77 -13.64 8.88
CA PHE A 72 19.01 -12.92 8.72
C PHE A 72 19.51 -13.04 7.27
N SER A 73 20.49 -12.20 6.94
CA SER A 73 20.99 -12.08 5.56
C SER A 73 22.51 -12.23 5.58
N THR A 74 22.99 -13.47 5.44
CA THR A 74 24.42 -13.72 5.42
C THR A 74 24.98 -13.61 4.01
N TYR A 75 26.27 -13.86 3.86
CA TYR A 75 26.95 -13.76 2.58
C TYR A 75 27.13 -15.15 1.97
N ILE A 76 27.58 -15.16 0.71
CA ILE A 76 27.93 -16.40 0.02
C ILE A 76 29.46 -16.44 -0.01
N LEU A 77 30.05 -17.24 0.88
CA LEU A 77 31.48 -17.25 1.07
C LEU A 77 32.02 -18.67 1.01
N PRO A 78 32.17 -19.27 -0.16
CA PRO A 78 32.76 -20.61 -0.22
C PRO A 78 34.25 -20.59 0.02
N TYR A 79 34.70 -21.18 1.13
CA TYR A 79 36.11 -21.16 1.51
C TYR A 79 36.60 -22.58 1.76
N LYS A 80 37.88 -22.80 1.45
CA LYS A 80 38.48 -24.10 1.69
C LYS A 80 38.65 -24.35 3.19
N ASP A 81 38.37 -25.57 3.60
CA ASP A 81 38.42 -25.95 5.02
C ASP A 81 39.80 -26.51 5.35
N LYS A 82 40.41 -25.98 6.41
CA LYS A 82 41.75 -26.42 6.80
C LYS A 82 41.73 -27.86 7.30
N ASN A 83 40.72 -28.21 8.09
CA ASN A 83 40.64 -29.55 8.67
C ASN A 83 40.55 -30.65 7.61
N THR A 84 39.70 -30.47 6.60
CA THR A 84 39.61 -31.40 5.48
C THR A 84 39.57 -30.58 4.21
N SER A 85 40.38 -30.97 3.22
CA SER A 85 40.51 -30.15 2.02
C SER A 85 39.26 -30.25 1.15
N LYS A 86 38.14 -29.75 1.68
CA LYS A 86 36.87 -29.70 0.97
C LYS A 86 36.25 -28.34 1.22
N GLN A 87 35.92 -27.62 0.15
CA GLN A 87 35.48 -26.24 0.30
C GLN A 87 34.06 -26.18 0.85
N ILE A 88 33.88 -25.40 1.92
CA ILE A 88 32.65 -25.34 2.68
C ILE A 88 32.26 -23.90 2.90
N VAL A 89 30.97 -23.60 2.70
CA VAL A 89 30.42 -22.29 3.03
C VAL A 89 30.24 -22.22 4.55
N PRO A 90 30.33 -21.05 5.17
CA PRO A 90 30.21 -20.98 6.63
C PRO A 90 28.85 -21.39 7.17
N ASP A 91 27.82 -21.43 6.33
CA ASP A 91 26.47 -21.78 6.75
C ASP A 91 26.00 -23.06 6.06
N TYR A 92 26.88 -24.07 6.01
CA TYR A 92 26.57 -25.27 5.23
C TYR A 92 25.38 -26.03 5.81
N MET A 93 25.27 -26.09 7.13
CA MET A 93 24.17 -26.86 7.71
C MET A 93 22.82 -26.18 7.48
N LEU A 94 22.82 -24.87 7.28
CA LEU A 94 21.57 -24.22 6.87
C LEU A 94 21.14 -24.71 5.48
N TRP A 95 22.08 -24.80 4.55
CA TRP A 95 21.77 -25.37 3.24
C TRP A 95 21.31 -26.81 3.38
N HIS A 96 21.89 -27.51 4.33
CA HIS A 96 21.52 -28.90 4.52
C HIS A 96 20.12 -28.99 5.01
N ALA A 97 19.75 -28.20 6.00
CA ALA A 97 18.38 -28.17 6.50
C ALA A 97 17.39 -27.73 5.43
N LEU A 98 17.82 -26.88 4.50
CA LEU A 98 16.97 -26.54 3.36
C LEU A 98 16.78 -27.74 2.45
N SER A 99 17.81 -28.58 2.32
CA SER A 99 17.87 -29.57 1.26
C SER A 99 17.61 -31.00 1.71
N SER A 100 17.65 -31.31 3.00
CA SER A 100 17.50 -32.70 3.40
C SER A 100 17.05 -32.78 4.85
N GLY A 101 16.57 -33.96 5.23
CA GLY A 101 16.20 -34.19 6.62
C GLY A 101 17.22 -35.00 7.39
N ARG A 102 17.96 -35.85 6.69
CA ARG A 102 19.00 -36.64 7.33
C ARG A 102 20.13 -35.73 7.82
N ALA A 103 20.76 -36.14 8.93
CA ALA A 103 21.61 -35.27 9.71
C ALA A 103 23.05 -35.27 9.17
N ILE A 104 23.39 -34.24 8.42
CA ILE A 104 24.76 -33.86 8.09
C ILE A 104 25.58 -35.04 7.59
N ASN A 105 25.15 -35.65 6.47
CA ASN A 105 25.96 -36.66 5.80
C ASN A 105 26.77 -35.94 4.72
N LEU A 106 27.80 -35.21 5.16
CA LEU A 106 28.55 -34.33 4.28
C LEU A 106 29.17 -35.06 3.10
N GLU A 107 29.83 -36.20 3.36
CA GLU A 107 30.53 -36.90 2.29
C GLU A 107 29.59 -37.66 1.36
N GLY A 108 28.49 -38.19 1.89
CA GLY A 108 27.70 -39.13 1.13
C GLY A 108 26.57 -38.57 0.27
N THR A 109 26.93 -37.77 -0.74
CA THR A 109 26.10 -37.51 -1.91
C THR A 109 24.75 -36.87 -1.61
N THR A 110 24.41 -36.68 -0.34
CA THR A 110 23.06 -36.24 0.02
C THR A 110 22.90 -34.74 -0.15
N GLY A 111 21.83 -34.19 0.45
CA GLY A 111 21.48 -32.79 0.35
C GLY A 111 22.63 -31.79 0.45
N ALA A 112 23.55 -32.02 1.39
CA ALA A 112 24.73 -31.15 1.55
C ALA A 112 25.96 -32.02 1.33
N HIS A 113 26.37 -32.15 0.08
CA HIS A 113 27.51 -32.98 -0.30
C HIS A 113 28.69 -32.09 -0.67
N ASN A 114 29.85 -32.39 -0.11
CA ASN A 114 31.05 -31.60 -0.35
C ASN A 114 32.14 -32.47 -0.99
N ASN A 115 32.99 -31.83 -1.80
CA ASN A 115 34.14 -32.46 -2.42
C ASN A 115 35.35 -31.53 -2.29
N ALA A 116 36.50 -32.03 -2.74
CA ALA A 116 37.67 -31.17 -2.82
C ALA A 116 37.46 -30.04 -3.81
N THR A 117 36.74 -30.32 -4.90
CA THR A 117 36.48 -29.31 -5.93
C THR A 117 35.26 -28.47 -5.60
N ASN A 118 34.10 -29.12 -5.43
CA ASN A 118 32.85 -28.39 -5.30
C ASN A 118 32.06 -28.82 -4.06
N PHE A 119 31.41 -27.86 -3.43
CA PHE A 119 30.30 -28.12 -2.53
C PHE A 119 28.98 -27.95 -3.28
N MET A 120 28.12 -28.96 -3.19
CA MET A 120 26.86 -28.88 -3.94
C MET A 120 25.70 -29.11 -2.97
N VAL A 121 24.54 -28.57 -3.32
CA VAL A 121 23.33 -28.70 -2.52
C VAL A 121 22.28 -29.42 -3.36
N ASN A 122 21.98 -30.66 -3.01
CA ASN A 122 21.03 -31.48 -3.76
C ASN A 122 19.69 -31.53 -3.02
N PHE A 123 18.60 -31.53 -3.78
CA PHE A 123 17.26 -31.66 -3.22
C PHE A 123 16.66 -33.03 -3.50
N LYS A 124 17.49 -34.03 -3.80
CA LYS A 124 16.97 -35.36 -4.08
C LYS A 124 16.36 -35.99 -2.84
N ASP A 125 16.92 -35.71 -1.66
CA ASP A 125 16.44 -36.26 -0.41
C ASP A 125 15.53 -35.27 0.33
N ASN A 126 15.06 -34.23 -0.36
CA ASN A 126 14.23 -33.19 0.25
C ASN A 126 12.75 -33.59 0.16
N SER A 127 12.45 -34.70 0.83
CA SER A 127 11.09 -35.24 0.83
C SER A 127 10.68 -35.72 2.22
N TYR A 128 10.93 -34.91 3.25
CA TYR A 128 10.59 -35.25 4.62
C TYR A 128 9.76 -34.14 5.25
N HIS A 129 8.90 -34.52 6.18
CA HIS A 129 8.38 -33.55 7.13
C HIS A 129 9.44 -33.24 8.19
N GLU A 130 9.36 -32.03 8.75
CA GLU A 130 10.28 -31.63 9.81
C GLU A 130 11.73 -31.72 9.36
N LEU A 131 12.12 -30.89 8.39
CA LEU A 131 13.42 -30.96 7.74
C LEU A 131 14.51 -30.45 8.69
N ALA A 132 15.23 -31.40 9.30
CA ALA A 132 16.52 -31.14 9.93
C ALA A 132 16.46 -29.97 10.92
N MET A 133 15.75 -30.20 12.03
CA MET A 133 15.64 -29.20 13.09
C MET A 133 17.02 -28.68 13.48
N LEU A 134 17.18 -27.36 13.42
CA LEU A 134 18.43 -26.69 13.80
C LEU A 134 18.12 -25.65 14.87
N HIS A 135 18.96 -25.61 15.90
CA HIS A 135 18.81 -24.59 16.95
C HIS A 135 19.75 -23.42 16.67
N ILE A 136 19.18 -22.21 16.66
CA ILE A 136 19.92 -21.00 16.29
C ILE A 136 20.04 -20.11 17.51
N TYR A 137 21.28 -19.77 17.87
CA TYR A 137 21.60 -18.96 19.04
C TYR A 137 21.95 -17.56 18.59
N ILE A 138 21.34 -16.55 19.21
CA ILE A 138 21.47 -15.16 18.81
C ILE A 138 22.06 -14.36 19.97
N LEU A 139 23.14 -13.63 19.70
CA LEU A 139 23.71 -12.69 20.67
C LEU A 139 23.15 -11.30 20.43
N THR A 140 22.06 -10.96 21.12
CA THR A 140 21.69 -9.56 21.29
C THR A 140 22.67 -8.94 22.28
N ASP A 141 23.78 -8.39 21.74
CA ASP A 141 24.95 -8.05 22.51
C ASP A 141 25.40 -9.24 23.34
N LYS A 142 25.14 -9.22 24.65
CA LYS A 142 25.48 -10.33 25.54
C LYS A 142 24.23 -10.68 26.35
N THR A 143 23.36 -11.51 25.75
CA THR A 143 22.26 -12.12 26.49
C THR A 143 22.07 -13.59 26.13
N TRP A 144 22.50 -14.01 24.95
CA TRP A 144 22.43 -15.40 24.51
C TRP A 144 21.00 -15.93 24.43
N SER A 145 20.16 -15.29 23.62
CA SER A 145 18.80 -15.74 23.39
C SER A 145 18.73 -16.51 22.09
N TYR A 146 18.07 -17.67 22.12
CA TYR A 146 18.00 -18.52 20.95
C TYR A 146 16.54 -18.84 20.62
N ILE A 147 16.35 -19.47 19.46
CA ILE A 147 15.05 -19.95 19.02
C ILE A 147 15.14 -21.47 18.90
N ASP A 148 14.18 -22.17 19.50
CA ASP A 148 14.25 -23.61 19.65
C ASP A 148 13.69 -24.31 18.40
N SER A 149 14.49 -25.22 17.85
CA SER A 149 14.09 -26.08 16.74
C SER A 149 13.64 -25.26 15.53
N CYS A 150 14.58 -24.51 14.97
CA CYS A 150 14.32 -23.72 13.77
C CYS A 150 14.40 -24.63 12.54
N GLN A 151 13.33 -24.65 11.76
CA GLN A 151 13.34 -25.29 10.45
C GLN A 151 13.17 -24.18 9.42
N ILE A 152 14.16 -24.05 8.54
CA ILE A 152 14.20 -22.88 7.68
C ILE A 152 13.14 -22.99 6.59
N ASN A 153 12.63 -21.84 6.18
CA ASN A 153 11.50 -21.75 5.26
C ASN A 153 11.91 -21.25 3.89
N GLN A 154 12.81 -20.28 3.81
CA GLN A 154 13.14 -19.64 2.55
C GLN A 154 14.62 -19.27 2.52
N ALA A 155 15.23 -19.39 1.35
CA ALA A 155 16.57 -18.91 1.08
C ALA A 155 16.57 -18.18 -0.25
N GLU A 156 16.79 -16.87 -0.20
CA GLU A 156 16.64 -16.03 -1.38
C GLU A 156 17.99 -15.47 -1.79
N VAL A 157 18.32 -15.62 -3.07
CA VAL A 157 19.51 -15.03 -3.67
C VAL A 157 19.06 -13.89 -4.57
N ASN A 158 19.63 -12.71 -4.34
CA ASN A 158 19.31 -11.53 -5.12
C ASN A 158 20.55 -11.11 -5.90
N VAL A 159 20.52 -11.28 -7.22
CA VAL A 159 21.62 -10.86 -8.08
C VAL A 159 21.46 -9.36 -8.31
N ASP A 160 22.07 -8.55 -7.45
CA ASP A 160 21.88 -7.11 -7.51
C ASP A 160 22.77 -6.48 -8.57
N ILE A 161 23.74 -7.24 -9.10
CA ILE A 161 24.62 -6.85 -10.19
C ILE A 161 25.68 -5.88 -9.67
N GLU A 162 25.39 -5.21 -8.55
CA GLU A 162 26.30 -4.21 -8.00
C GLU A 162 26.57 -4.43 -6.52
N ASP A 163 26.41 -5.65 -6.03
CA ASP A 163 26.62 -5.96 -4.62
C ASP A 163 27.15 -7.37 -4.49
N ILE A 164 27.70 -7.68 -3.32
CA ILE A 164 28.29 -8.99 -3.07
C ILE A 164 27.19 -10.02 -2.88
N GLY A 165 27.50 -11.27 -3.23
CA GLY A 165 26.50 -12.33 -3.13
C GLY A 165 26.07 -12.57 -1.70
N ARG A 166 24.77 -12.47 -1.45
CA ARG A 166 24.20 -12.63 -0.12
C ARG A 166 22.87 -13.35 -0.22
N VAL A 167 22.68 -14.34 0.65
CA VAL A 167 21.43 -15.07 0.76
C VAL A 167 20.69 -14.56 1.98
N THR A 168 19.35 -14.61 1.94
CA THR A 168 18.52 -14.08 3.01
C THR A 168 17.62 -15.22 3.50
N TRP A 169 18.10 -15.95 4.50
CA TRP A 169 17.36 -17.07 5.04
C TRP A 169 16.11 -16.60 5.78
N SER A 170 15.16 -17.52 5.96
CA SER A 170 13.97 -17.29 6.77
C SER A 170 13.53 -18.63 7.32
N GLY A 171 13.11 -18.64 8.59
CA GLY A 171 12.74 -19.88 9.23
C GLY A 171 11.73 -19.74 10.35
N ASN A 172 10.92 -20.77 10.54
CA ASN A 172 9.86 -20.72 11.55
C ASN A 172 10.21 -21.60 12.75
N GLY A 173 10.75 -21.00 13.81
CA GLY A 173 11.09 -21.74 15.01
C GLY A 173 9.91 -22.04 15.92
N ASN A 174 10.03 -23.08 16.75
CA ASN A 174 8.95 -23.43 17.67
C ASN A 174 8.75 -22.35 18.72
N GLN A 175 9.81 -21.94 19.40
CA GLN A 175 9.69 -21.03 20.54
C GLN A 175 10.99 -20.27 20.72
N LEU A 176 10.89 -19.08 21.30
CA LEU A 176 12.05 -18.23 21.57
C LEU A 176 12.29 -18.23 23.07
N ILE A 177 13.42 -18.80 23.49
CA ILE A 177 13.77 -18.96 24.91
C ILE A 177 14.98 -18.08 25.19
N PRO A 178 14.90 -17.15 26.15
CA PRO A 178 15.99 -16.19 26.35
C PRO A 178 17.29 -16.77 26.91
N LEU A 179 17.20 -17.56 27.99
CA LEU A 179 18.36 -18.10 28.69
C LEU A 179 19.14 -17.03 29.44
N ASP A 180 19.35 -17.24 30.75
CA ASP A 180 20.14 -16.30 31.53
C ASP A 180 21.63 -16.47 31.27
N GLU A 181 22.11 -17.70 31.07
CA GLU A 181 23.52 -17.99 30.99
C GLU A 181 23.95 -18.37 29.58
N GLN A 182 25.26 -18.42 29.38
CA GLN A 182 25.82 -18.75 28.08
C GLN A 182 25.64 -20.23 27.78
N PRO A 183 25.13 -20.59 26.59
CA PRO A 183 25.16 -22.01 26.21
C PRO A 183 26.56 -22.52 25.95
N PHE A 184 27.36 -21.80 25.16
CA PHE A 184 28.73 -22.21 24.89
C PHE A 184 29.66 -21.00 24.86
N ASP A 185 30.90 -21.21 24.40
CA ASP A 185 31.90 -20.15 24.40
C ASP A 185 31.90 -19.44 23.05
N PRO A 186 31.52 -18.16 22.99
CA PRO A 186 31.40 -17.49 21.68
C PRO A 186 32.70 -17.40 20.91
N ASP A 187 33.84 -17.19 21.60
CA ASP A 187 35.07 -16.88 20.88
C ASP A 187 35.64 -18.10 20.17
N GLN A 188 35.67 -19.25 20.86
CA GLN A 188 36.25 -20.45 20.24
C GLN A 188 35.36 -20.99 19.14
N ILE A 189 34.05 -21.00 19.35
CA ILE A 189 33.12 -21.56 18.38
C ILE A 189 33.05 -20.75 17.09
N GLY A 190 33.09 -19.42 17.18
CA GLY A 190 32.82 -18.60 16.01
C GLY A 190 34.04 -18.06 15.30
N ILE A 191 34.02 -18.20 13.96
CA ILE A 191 34.96 -17.62 12.99
C ILE A 191 36.30 -17.17 13.58
N ASP A 192 37.33 -17.98 13.36
CA ASP A 192 38.69 -17.59 13.70
C ASP A 192 39.26 -16.68 12.61
N ASP A 193 40.34 -15.99 12.94
CA ASP A 193 40.94 -15.05 12.00
C ASP A 193 41.49 -15.77 10.77
N GLU A 194 42.08 -16.95 10.96
CA GLU A 194 42.63 -17.70 9.84
C GLU A 194 41.55 -18.06 8.84
N THR A 195 40.39 -18.52 9.33
CA THR A 195 39.24 -18.75 8.45
C THR A 195 38.74 -17.45 7.87
N TYR A 196 38.76 -16.37 8.67
CA TYR A 196 38.24 -15.09 8.22
C TYR A 196 39.02 -14.54 7.04
N MET A 197 40.32 -14.85 6.96
CA MET A 197 41.11 -14.41 5.82
C MET A 197 40.59 -15.01 4.52
N THR A 198 40.39 -16.32 4.48
CA THR A 198 39.83 -16.96 3.30
C THR A 198 38.42 -16.47 3.03
N ILE A 199 37.67 -16.19 4.11
CA ILE A 199 36.32 -15.64 3.96
C ILE A 199 36.37 -14.32 3.19
N GLN A 200 37.26 -13.42 3.59
CA GLN A 200 37.41 -12.16 2.85
C GLN A 200 37.89 -12.42 1.42
N GLY A 201 38.71 -13.45 1.24
CA GLY A 201 39.20 -13.75 -0.10
C GLY A 201 38.21 -14.42 -1.02
N SER A 202 37.08 -14.90 -0.51
CA SER A 202 36.20 -15.73 -1.33
C SER A 202 34.95 -14.98 -1.79
N TYR A 203 34.96 -13.65 -1.73
CA TYR A 203 33.78 -12.85 -2.08
C TYR A 203 33.35 -13.02 -3.53
N ILE A 204 32.07 -12.83 -3.81
CA ILE A 204 31.49 -12.96 -5.14
C ILE A 204 30.93 -11.59 -5.53
N LYS A 205 31.33 -11.10 -6.71
CA LYS A 205 31.01 -9.73 -7.11
C LYS A 205 29.59 -9.53 -7.63
N ASN A 206 29.04 -10.56 -8.28
CA ASN A 206 27.71 -10.54 -8.89
C ASN A 206 27.64 -9.68 -10.15
N LYS A 207 28.72 -8.97 -10.48
CA LYS A 207 28.77 -8.30 -11.77
C LYS A 207 29.40 -9.17 -12.84
N LEU A 208 29.78 -10.39 -12.50
CA LEU A 208 30.36 -11.35 -13.43
C LEU A 208 29.41 -12.52 -13.71
N THR A 209 28.14 -12.36 -13.35
CA THR A 209 27.16 -13.42 -13.58
C THR A 209 26.87 -13.58 -15.06
N ILE A 210 26.75 -14.83 -15.49
CA ILE A 210 26.42 -15.13 -16.89
C ILE A 210 25.30 -16.17 -16.91
N LEU A 211 24.28 -15.92 -17.73
CA LEU A 211 23.16 -16.83 -17.83
C LEU A 211 23.38 -17.82 -18.97
N LYS A 212 22.85 -19.03 -18.80
CA LYS A 212 23.06 -20.13 -19.74
C LYS A 212 21.73 -20.81 -20.05
N ILE A 213 20.71 -20.01 -20.37
CA ILE A 213 19.42 -20.58 -20.73
C ILE A 213 19.57 -21.41 -22.00
N LYS A 214 19.08 -22.65 -21.94
CA LYS A 214 19.06 -23.53 -23.09
C LYS A 214 17.69 -24.18 -23.19
N ASP A 215 17.22 -24.37 -24.41
CA ASP A 215 15.92 -24.97 -24.68
C ASP A 215 16.11 -26.47 -24.86
N MET A 216 15.64 -27.26 -23.89
CA MET A 216 15.78 -28.71 -24.00
C MET A 216 14.92 -29.26 -25.14
N ASP A 217 13.87 -28.52 -25.52
CA ASP A 217 13.02 -28.97 -26.60
C ASP A 217 13.73 -28.88 -27.95
N THR A 218 14.46 -27.79 -28.19
CA THR A 218 15.05 -27.53 -29.50
C THR A 218 16.57 -27.48 -29.46
N ASN A 219 17.19 -27.72 -28.31
CA ASN A 219 18.64 -27.70 -28.15
C ASN A 219 19.23 -26.38 -28.64
N LYS A 220 18.58 -25.29 -28.21
CA LYS A 220 18.97 -23.94 -28.60
C LYS A 220 19.47 -23.20 -27.37
N SER A 221 20.67 -22.64 -27.47
CA SER A 221 21.31 -21.94 -26.36
C SER A 221 21.28 -20.44 -26.60
N TYR A 222 20.89 -19.69 -25.57
CA TYR A 222 20.76 -18.24 -25.65
C TYR A 222 21.89 -17.57 -24.86
N ASP A 223 22.46 -16.52 -25.46
CA ASP A 223 23.49 -15.71 -24.81
C ASP A 223 22.80 -14.46 -24.25
N ILE A 224 22.59 -14.45 -22.94
CA ILE A 224 21.78 -13.43 -22.27
C ILE A 224 22.66 -12.69 -21.28
N PRO A 225 22.90 -11.40 -21.46
CA PRO A 225 23.57 -10.61 -20.41
C PRO A 225 22.59 -10.17 -19.32
N ILE A 226 22.74 -10.72 -18.12
CA ILE A 226 21.81 -10.40 -17.04
C ILE A 226 22.05 -8.98 -16.55
N THR A 227 20.97 -8.20 -16.46
CA THR A 227 21.01 -6.87 -15.86
C THR A 227 20.39 -6.87 -14.47
N GLY A 228 20.13 -8.05 -13.92
CA GLY A 228 19.48 -8.18 -12.63
C GLY A 228 18.64 -9.44 -12.61
N GLY A 229 18.29 -9.86 -11.41
CA GLY A 229 17.52 -11.07 -11.26
C GLY A 229 17.25 -11.39 -9.81
N THR A 230 16.60 -12.53 -9.61
CA THR A 230 16.16 -12.97 -8.29
C THR A 230 16.17 -14.49 -8.27
N PHE A 231 16.30 -15.05 -7.07
CA PHE A 231 16.27 -16.50 -6.88
C PHE A 231 15.82 -16.79 -5.47
N THR A 232 14.90 -17.75 -5.34
CA THR A 232 14.35 -18.07 -4.03
C THR A 232 14.03 -19.56 -3.97
N ILE A 233 14.32 -20.17 -2.83
CA ILE A 233 13.94 -21.55 -2.54
C ILE A 233 13.00 -21.52 -1.34
N ASN A 234 11.80 -22.09 -1.49
CA ASN A 234 10.74 -21.92 -0.50
C ASN A 234 10.14 -23.29 -0.15
N ASN A 235 10.62 -23.88 0.94
CA ASN A 235 9.95 -25.03 1.51
C ASN A 235 8.81 -24.55 2.39
N ASN A 236 7.59 -24.58 1.85
CA ASN A 236 6.42 -24.05 2.53
C ASN A 236 6.19 -24.81 3.82
N ILE A 237 6.32 -24.13 4.95
CA ILE A 237 6.14 -24.71 6.27
C ILE A 237 4.93 -24.08 6.92
N THR A 238 3.98 -24.91 7.34
CA THR A 238 2.81 -24.47 8.08
C THR A 238 2.76 -25.21 9.41
N TYR A 239 2.67 -24.45 10.50
CA TYR A 239 2.84 -24.98 11.84
C TYR A 239 1.49 -25.36 12.43
N LEU A 240 1.43 -26.54 13.05
CA LEU A 240 0.22 -27.06 13.65
C LEU A 240 0.20 -26.72 15.14
N THR A 241 -0.76 -25.90 15.55
CA THR A 241 -0.89 -25.47 16.92
C THR A 241 -2.17 -26.05 17.52
N PRO A 242 -2.09 -26.82 18.59
CA PRO A 242 -3.31 -27.31 19.24
C PRO A 242 -4.11 -26.16 19.83
N ASN A 243 -5.42 -26.34 19.86
CA ASN A 243 -6.35 -25.31 20.34
C ASN A 243 -6.93 -25.76 21.68
N VAL A 244 -6.36 -25.25 22.77
CA VAL A 244 -6.87 -25.50 24.11
C VAL A 244 -7.44 -24.19 24.64
N MET A 245 -8.69 -24.23 25.10
CA MET A 245 -9.39 -23.00 25.48
C MET A 245 -8.75 -22.33 26.69
N SER A 246 -8.37 -23.11 27.70
CA SER A 246 -7.96 -22.58 28.99
C SER A 246 -6.46 -22.62 29.20
N ARG A 247 -5.67 -22.66 28.12
CA ARG A 247 -4.22 -22.66 28.26
C ARG A 247 -3.61 -22.00 27.03
N VAL A 248 -2.37 -21.56 27.16
CA VAL A 248 -1.60 -21.02 26.05
C VAL A 248 -0.79 -22.14 25.44
N THR A 249 -1.03 -22.41 24.17
CA THR A 249 -0.45 -23.56 23.48
C THR A 249 0.64 -23.09 22.51
N ILE A 250 1.78 -23.76 22.54
CA ILE A 250 2.88 -23.49 21.60
C ILE A 250 2.75 -24.48 20.45
N PRO A 251 3.22 -24.14 19.25
CA PRO A 251 3.10 -25.07 18.12
C PRO A 251 3.86 -26.37 18.37
N ILE A 252 3.27 -27.47 17.91
CA ILE A 252 3.89 -28.79 17.98
C ILE A 252 3.97 -29.31 16.55
N GLY A 253 5.13 -29.84 16.19
CA GLY A 253 5.36 -30.26 14.82
C GLY A 253 5.42 -29.07 13.86
N SER A 254 5.86 -29.35 12.64
CA SER A 254 5.97 -28.31 11.64
C SER A 254 5.41 -28.68 10.28
N PHE A 255 5.24 -29.96 9.96
CA PHE A 255 4.76 -30.42 8.66
C PHE A 255 5.66 -29.83 7.56
N THR A 256 5.18 -29.83 6.31
CA THR A 256 5.97 -29.34 5.18
C THR A 256 5.05 -29.17 3.98
N GLY A 257 5.42 -28.32 3.03
CA GLY A 257 4.59 -28.05 1.86
C GLY A 257 5.31 -28.36 0.58
N ALA A 258 5.03 -27.58 -0.46
CA ALA A 258 5.53 -27.85 -1.80
C ALA A 258 6.85 -27.10 -2.01
N PHE A 259 7.89 -27.84 -2.37
CA PHE A 259 9.17 -27.24 -2.71
C PHE A 259 9.01 -26.34 -3.93
N GLU A 260 9.47 -25.10 -3.82
CA GLU A 260 9.31 -24.09 -4.87
C GLU A 260 10.66 -23.41 -5.12
N LEU A 261 11.46 -23.99 -6.01
CA LEU A 261 12.66 -23.30 -6.48
C LEU A 261 12.26 -22.34 -7.59
N THR A 262 12.22 -21.06 -7.25
CA THR A 262 11.67 -20.06 -8.16
C THR A 262 12.66 -18.91 -8.27
N GLY A 263 12.58 -18.18 -9.37
CA GLY A 263 13.43 -17.03 -9.55
C GLY A 263 12.92 -16.15 -10.66
N SER A 264 13.59 -15.02 -10.84
CA SER A 264 13.26 -14.09 -11.91
C SER A 264 14.56 -13.60 -12.53
N LEU A 265 14.51 -13.31 -13.82
CA LEU A 265 15.70 -12.88 -14.55
C LEU A 265 15.33 -11.72 -15.45
N THR A 266 16.12 -10.65 -15.39
CA THR A 266 15.91 -9.47 -16.21
C THR A 266 17.14 -9.24 -17.07
N ALA A 267 16.92 -8.93 -18.35
CA ALA A 267 18.01 -8.69 -19.28
C ALA A 267 17.58 -7.63 -20.29
N TYR A 268 18.57 -6.93 -20.84
CA TYR A 268 18.32 -5.93 -21.85
C TYR A 268 17.94 -6.59 -23.17
N LEU A 269 17.25 -5.83 -24.02
CA LEU A 269 16.75 -6.33 -25.29
C LEU A 269 17.83 -6.19 -26.35
N ASN A 270 18.40 -7.32 -26.78
CA ASN A 270 19.37 -7.36 -27.86
C ASN A 270 18.76 -8.08 -29.05
N ASP A 271 18.87 -7.47 -30.23
CA ASP A 271 18.29 -8.01 -31.45
C ASP A 271 19.30 -8.87 -32.21
N LYS A 272 20.33 -9.35 -31.52
CA LYS A 272 21.33 -10.22 -32.14
C LYS A 272 20.82 -11.65 -32.19
N SER A 273 21.63 -12.56 -32.74
CA SER A 273 21.29 -13.97 -32.84
C SER A 273 21.45 -14.64 -31.48
N LEU A 274 20.51 -15.51 -31.13
CA LEU A 274 20.50 -16.20 -29.85
C LEU A 274 20.51 -15.21 -28.70
N GLY A 275 19.85 -14.06 -28.87
CA GLY A 275 19.80 -13.02 -27.87
C GLY A 275 18.50 -13.06 -27.07
N SER A 276 18.34 -12.04 -26.23
CA SER A 276 17.13 -11.94 -25.42
C SER A 276 15.89 -11.77 -26.29
N MET A 277 16.00 -10.98 -27.36
CA MET A 277 14.87 -10.80 -28.27
C MET A 277 14.48 -12.11 -28.94
N GLU A 278 15.47 -12.94 -29.28
CA GLU A 278 15.16 -14.24 -29.86
C GLU A 278 14.41 -15.13 -28.88
N LEU A 279 14.81 -15.12 -27.61
CA LEU A 279 14.07 -15.85 -26.59
C LEU A 279 12.64 -15.32 -26.44
N TYR A 280 12.49 -14.00 -26.46
CA TYR A 280 11.17 -13.41 -26.36
C TYR A 280 10.28 -13.84 -27.53
N LYS A 281 10.84 -13.81 -28.74
CA LYS A 281 10.07 -14.22 -29.91
C LYS A 281 9.74 -15.71 -29.85
N ASP A 282 10.67 -16.53 -29.40
CA ASP A 282 10.40 -17.96 -29.29
C ASP A 282 9.28 -18.25 -28.29
N LEU A 283 9.27 -17.53 -27.16
CA LEU A 283 8.24 -17.79 -26.15
C LEU A 283 6.89 -17.20 -26.56
N ILE A 284 6.89 -16.07 -27.26
CA ILE A 284 5.62 -15.43 -27.58
C ILE A 284 4.98 -16.04 -28.83
N LYS A 285 5.81 -16.48 -29.78
CA LYS A 285 5.27 -17.06 -31.01
C LYS A 285 4.72 -18.45 -30.77
N THR A 286 5.45 -19.29 -30.03
CA THR A 286 5.05 -20.66 -29.76
C THR A 286 4.48 -20.73 -28.35
N LEU A 287 3.21 -21.09 -28.25
CA LEU A 287 2.52 -21.22 -26.97
C LEU A 287 2.47 -22.71 -26.62
N LYS A 288 3.18 -23.10 -25.57
CA LYS A 288 3.24 -24.47 -25.12
C LYS A 288 2.70 -24.57 -23.70
N VAL A 289 2.02 -25.69 -23.42
CA VAL A 289 1.47 -25.90 -22.09
C VAL A 289 2.59 -26.01 -21.06
N VAL A 290 3.65 -26.74 -21.39
CA VAL A 290 4.79 -26.92 -20.50
C VAL A 290 6.05 -26.55 -21.26
N ASN A 291 6.89 -25.71 -20.66
CA ASN A 291 8.19 -25.36 -21.19
C ASN A 291 9.27 -26.13 -20.45
N ARG A 292 10.32 -26.52 -21.18
CA ARG A 292 11.44 -27.25 -20.61
C ARG A 292 12.72 -26.50 -20.93
N PHE A 293 13.24 -25.78 -19.93
CA PHE A 293 14.43 -24.97 -20.10
C PHE A 293 15.49 -25.43 -19.11
N GLU A 294 16.75 -25.31 -19.51
CA GLU A 294 17.89 -25.54 -18.63
C GLU A 294 18.51 -24.18 -18.31
N ILE A 295 18.34 -23.74 -17.08
CA ILE A 295 18.75 -22.40 -16.65
C ILE A 295 19.89 -22.55 -15.66
N ALA A 296 21.01 -21.89 -15.94
CA ALA A 296 22.18 -21.94 -15.10
C ALA A 296 22.57 -20.53 -14.68
N LEU A 297 22.45 -20.25 -13.38
CA LEU A 297 22.87 -18.97 -12.82
C LEU A 297 24.24 -19.17 -12.17
N VAL A 298 25.27 -18.59 -12.78
CA VAL A 298 26.63 -18.63 -12.26
C VAL A 298 26.93 -17.26 -11.67
N LEU A 299 26.95 -17.17 -10.34
CA LEU A 299 27.18 -15.87 -9.70
C LEU A 299 28.57 -15.34 -10.01
N GLY A 300 29.56 -16.22 -10.02
CA GLY A 300 30.89 -15.87 -10.47
C GLY A 300 30.97 -15.89 -11.99
N GLY A 301 32.17 -15.65 -12.49
CA GLY A 301 32.40 -15.76 -13.92
C GLY A 301 32.96 -17.13 -14.29
N GLU A 302 32.85 -17.45 -15.58
CA GLU A 302 33.48 -18.66 -16.12
C GLU A 302 34.80 -18.24 -16.76
N TYR A 303 35.85 -18.20 -15.94
CA TYR A 303 37.15 -17.74 -16.38
C TYR A 303 38.10 -18.93 -16.49
N ASP A 304 39.09 -18.79 -17.38
CA ASP A 304 40.13 -19.81 -17.53
C ASP A 304 41.12 -19.62 -16.38
N ASP A 305 40.61 -19.74 -15.16
CA ASP A 305 41.38 -19.49 -13.95
C ASP A 305 40.56 -19.94 -12.75
N GLU A 306 41.14 -19.92 -11.56
CA GLU A 306 40.44 -20.30 -10.34
C GLU A 306 39.81 -19.07 -9.72
N ARG A 307 38.49 -18.96 -9.84
CA ARG A 307 37.74 -17.83 -9.32
C ARG A 307 36.56 -18.34 -8.50
N PRO A 308 36.15 -17.61 -7.46
CA PRO A 308 34.98 -18.03 -6.69
C PRO A 308 33.71 -17.90 -7.51
N ALA A 309 32.74 -18.76 -7.21
CA ALA A 309 31.47 -18.75 -7.91
C ALA A 309 30.44 -19.49 -7.05
N ALA A 310 29.17 -19.14 -7.27
CA ALA A 310 28.04 -19.80 -6.62
C ALA A 310 27.06 -20.18 -7.73
N ILE A 311 27.28 -21.35 -8.32
CA ILE A 311 26.54 -21.72 -9.52
C ILE A 311 25.19 -22.32 -9.15
N LEU A 312 24.18 -22.02 -9.95
CA LEU A 312 22.86 -22.61 -9.87
C LEU A 312 22.57 -23.29 -11.20
N VAL A 313 21.90 -24.44 -11.14
CA VAL A 313 21.43 -25.13 -12.34
C VAL A 313 20.04 -25.66 -12.09
N ALA A 314 19.16 -25.54 -13.09
CA ALA A 314 17.83 -26.12 -13.07
C ALA A 314 17.66 -26.88 -14.39
N LYS A 315 17.67 -28.22 -14.32
CA LYS A 315 17.70 -29.02 -15.53
C LYS A 315 16.46 -28.78 -16.39
N GLN A 316 15.27 -28.85 -15.79
CA GLN A 316 14.04 -28.48 -16.45
C GLN A 316 13.31 -27.44 -15.59
N ALA A 317 13.02 -26.29 -16.18
CA ALA A 317 12.39 -25.19 -15.48
C ALA A 317 11.39 -24.51 -16.40
N HIS A 318 10.12 -24.50 -15.98
CA HIS A 318 9.09 -23.80 -16.73
C HIS A 318 9.38 -22.30 -16.73
N VAL A 319 9.34 -21.68 -17.90
CA VAL A 319 9.65 -20.27 -18.06
C VAL A 319 8.38 -19.56 -18.53
N ASN A 320 8.00 -18.52 -17.79
CA ASN A 320 6.79 -17.76 -18.11
C ASN A 320 7.07 -16.87 -19.33
N ILE A 321 6.02 -16.23 -19.83
CA ILE A 321 6.15 -15.34 -20.99
C ILE A 321 6.88 -14.07 -20.56
N PRO A 322 7.95 -13.68 -21.25
CA PRO A 322 8.66 -12.46 -20.86
C PRO A 322 7.78 -11.22 -20.99
N THR A 323 7.99 -10.29 -20.08
CA THR A 323 7.27 -9.01 -20.07
C THR A 323 8.26 -7.89 -20.35
N ILE A 324 7.90 -7.02 -21.29
CA ILE A 324 8.79 -5.92 -21.67
C ILE A 324 8.67 -4.81 -20.65
N GLU A 325 9.81 -4.44 -20.06
CA GLU A 325 9.89 -3.35 -19.08
C GLU A 325 10.50 -2.14 -19.77
N THR A 326 9.77 -1.02 -19.75
CA THR A 326 10.16 0.16 -20.52
C THR A 326 11.03 1.08 -19.67
N ASP A 327 12.31 0.74 -19.62
CA ASP A 327 13.33 1.60 -19.03
C ASP A 327 13.85 2.54 -20.11
N ASP A 328 14.96 3.23 -19.81
CA ASP A 328 15.62 4.01 -20.86
C ASP A 328 16.12 3.09 -21.97
N VAL A 329 16.67 1.93 -21.59
CA VAL A 329 16.97 0.86 -22.52
C VAL A 329 16.05 -0.30 -22.16
N LEU A 330 15.27 -0.77 -23.12
CA LEU A 330 14.22 -1.73 -22.83
C LEU A 330 14.81 -3.06 -22.39
N GLY A 331 14.18 -3.65 -21.38
CA GLY A 331 14.60 -4.95 -20.89
C GLY A 331 13.40 -5.81 -20.57
N THR A 332 13.56 -7.11 -20.76
CA THR A 332 12.52 -8.09 -20.50
C THR A 332 12.82 -8.86 -19.22
N SER A 333 11.79 -9.10 -18.44
CA SER A 333 11.90 -9.84 -17.19
C SER A 333 11.20 -11.18 -17.36
N VAL A 334 11.95 -12.26 -17.20
CA VAL A 334 11.40 -13.61 -17.29
C VAL A 334 11.35 -14.21 -15.90
N GLU A 335 10.31 -15.00 -15.65
CA GLU A 335 10.16 -15.73 -14.41
C GLU A 335 10.22 -17.22 -14.70
N PHE A 336 10.96 -17.95 -13.87
CA PHE A 336 11.15 -19.38 -14.07
C PHE A 336 10.95 -20.10 -12.75
N LYS A 337 10.21 -21.20 -12.78
CA LYS A 337 10.00 -22.04 -11.62
C LYS A 337 10.39 -23.47 -11.97
N ALA A 338 11.43 -23.97 -11.31
CA ALA A 338 11.89 -25.32 -11.58
C ALA A 338 10.80 -26.34 -11.25
N ILE A 339 10.56 -27.26 -12.17
CA ILE A 339 9.54 -28.28 -12.03
C ILE A 339 10.22 -29.63 -11.94
N PRO A 340 9.99 -30.41 -10.88
CA PRO A 340 10.62 -31.73 -10.79
C PRO A 340 9.99 -32.72 -11.74
N SER A 341 10.76 -33.75 -12.08
CA SER A 341 10.25 -34.85 -12.89
C SER A 341 9.64 -35.92 -11.99
N ASP A 342 8.48 -36.43 -12.40
CA ASP A 342 7.75 -37.51 -11.76
C ASP A 342 7.15 -37.06 -10.43
N LEU A 343 7.45 -35.84 -9.98
CA LEU A 343 6.91 -35.26 -8.76
C LEU A 343 7.33 -36.03 -7.51
N ASP A 344 8.28 -36.95 -7.65
CA ASP A 344 8.76 -37.71 -6.51
C ASP A 344 10.24 -37.45 -6.24
N ALA A 345 11.10 -37.64 -7.23
CA ALA A 345 12.52 -37.36 -7.05
C ALA A 345 12.77 -35.87 -7.08
N GLY A 346 13.87 -35.45 -6.44
CA GLY A 346 14.26 -34.07 -6.44
C GLY A 346 15.12 -33.73 -7.64
N ASP A 347 14.51 -33.18 -8.69
CA ASP A 347 15.19 -32.82 -9.91
C ASP A 347 14.96 -31.35 -10.28
N GLU A 348 14.47 -30.56 -9.32
CA GLU A 348 14.25 -29.15 -9.58
C GLU A 348 15.55 -28.46 -9.92
N GLY A 349 16.61 -28.76 -9.19
CA GLY A 349 17.91 -28.16 -9.44
C GLY A 349 18.84 -28.44 -8.30
N TYR A 350 20.03 -27.84 -8.39
CA TYR A 350 21.01 -27.98 -7.33
C TYR A 350 21.99 -26.81 -7.41
N LEU A 351 22.50 -26.43 -6.26
CA LEU A 351 23.40 -25.29 -6.11
C LEU A 351 24.82 -25.79 -5.96
N GLY A 352 25.76 -25.09 -6.57
CA GLY A 352 27.17 -25.44 -6.42
C GLY A 352 28.01 -24.29 -5.91
N PHE A 353 28.58 -24.45 -4.72
CA PHE A 353 29.43 -23.43 -4.12
C PHE A 353 30.85 -23.97 -4.00
N SER A 354 31.78 -23.11 -4.42
CA SER A 354 33.19 -23.45 -4.27
C SER A 354 34.01 -22.21 -4.48
N SER A 355 35.23 -22.21 -3.95
CA SER A 355 36.11 -21.06 -4.10
C SER A 355 36.88 -21.04 -5.41
N LYS A 356 36.99 -22.18 -6.08
CA LYS A 356 37.75 -22.29 -7.32
C LYS A 356 36.88 -22.94 -8.39
N TYR A 357 36.40 -22.14 -9.33
CA TYR A 357 35.69 -22.65 -10.49
C TYR A 357 36.45 -22.25 -11.74
N THR A 358 36.58 -23.22 -12.66
CA THR A 358 37.07 -22.96 -14.00
C THR A 358 35.93 -23.20 -14.98
N ARG A 359 36.18 -22.92 -16.25
CA ARG A 359 35.17 -23.21 -17.27
C ARG A 359 34.87 -24.70 -17.31
N THR A 360 35.91 -25.54 -17.21
CA THR A 360 35.70 -26.98 -17.20
C THR A 360 34.88 -27.42 -16.01
N THR A 361 35.16 -26.87 -14.82
CA THR A 361 34.42 -27.26 -13.63
C THR A 361 32.97 -26.78 -13.68
N ILE A 362 32.75 -25.56 -14.19
CA ILE A 362 31.38 -25.08 -14.36
C ILE A 362 30.61 -25.97 -15.33
N ASN A 363 31.24 -26.33 -16.45
CA ASN A 363 30.59 -27.24 -17.38
C ASN A 363 30.31 -28.60 -16.74
N ASN A 364 31.26 -29.08 -15.93
CA ASN A 364 31.06 -30.34 -15.21
C ASN A 364 29.81 -30.28 -14.34
N LEU A 365 29.67 -29.20 -13.56
CA LEU A 365 28.54 -29.12 -12.64
C LEU A 365 27.24 -28.88 -13.40
N ILE A 366 27.29 -28.18 -14.54
CA ILE A 366 26.09 -27.97 -15.33
C ILE A 366 25.60 -29.29 -15.93
N VAL A 367 26.54 -30.11 -16.44
CA VAL A 367 26.17 -31.38 -17.05
C VAL A 367 25.80 -32.40 -15.99
N ASN A 368 26.75 -32.73 -15.11
CA ASN A 368 26.53 -33.74 -14.08
C ASN A 368 26.64 -33.10 -12.70
N GLY A 369 26.45 -33.89 -11.66
CA GLY A 369 26.34 -33.39 -10.31
C GLY A 369 27.55 -32.66 -9.76
N ASP A 370 28.74 -33.21 -9.99
CA ASP A 370 29.96 -32.67 -9.37
C ASP A 370 30.92 -32.27 -10.49
N GLY A 371 32.10 -31.79 -10.10
CA GLY A 371 33.13 -31.42 -11.05
C GLY A 371 34.11 -32.55 -11.33
N ALA A 372 33.60 -33.69 -11.78
CA ALA A 372 34.47 -34.83 -12.06
C ALA A 372 34.88 -34.88 -13.53
N THR A 373 33.91 -35.04 -14.43
CA THR A 373 34.19 -35.22 -15.85
C THR A 373 33.04 -34.63 -16.68
N ASP A 374 33.27 -34.45 -17.98
CA ASP A 374 32.22 -33.97 -18.90
C ASP A 374 32.69 -34.41 -20.28
N ALA A 375 31.79 -34.70 -21.21
CA ALA A 375 32.30 -35.21 -22.48
C ALA A 375 33.13 -34.24 -23.29
N VAL A 376 32.62 -33.04 -23.57
CA VAL A 376 33.42 -32.00 -24.25
C VAL A 376 34.25 -32.42 -25.46
N THR A 377 33.72 -33.14 -26.42
CA THR A 377 34.56 -33.60 -27.53
C THR A 377 34.36 -32.76 -28.77
N LEU B 3 21.39 -3.10 -28.54
CA LEU B 3 20.42 -2.65 -27.55
C LEU B 3 19.34 -1.78 -28.20
N GLN B 4 18.21 -1.63 -27.53
CA GLN B 4 17.08 -0.87 -28.04
C GLN B 4 16.66 0.18 -27.02
N LEU B 5 16.49 1.42 -27.48
CA LEU B 5 16.21 2.54 -26.60
C LEU B 5 14.74 2.93 -26.66
N LEU B 6 14.22 3.43 -25.54
CA LEU B 6 12.84 3.93 -25.52
C LEU B 6 12.72 5.26 -26.24
N ARG B 7 13.82 5.99 -26.42
CA ARG B 7 13.75 7.28 -27.09
C ARG B 7 13.31 7.14 -28.54
N ASN B 8 13.62 6.00 -29.16
CA ASN B 8 13.29 5.80 -30.57
C ASN B 8 11.95 5.10 -30.77
N THR B 9 11.19 4.84 -29.71
CA THR B 9 9.94 4.11 -29.87
C THR B 9 8.91 4.95 -30.62
N ARG B 10 8.24 4.32 -31.58
CA ARG B 10 7.14 4.92 -32.31
C ARG B 10 5.95 3.99 -32.27
N ILE B 11 4.77 4.55 -32.07
CA ILE B 11 3.54 3.77 -31.99
C ILE B 11 2.64 4.20 -33.14
N PHE B 12 2.33 3.25 -34.02
CA PHE B 12 1.46 3.49 -35.16
C PHE B 12 0.11 2.82 -34.93
N VAL B 13 -0.95 3.53 -35.29
CA VAL B 13 -2.32 3.05 -35.11
C VAL B 13 -2.92 2.82 -36.49
N SER B 14 -3.39 1.60 -36.74
CA SER B 14 -3.90 1.22 -38.05
C SER B 14 -5.22 0.50 -37.89
N THR B 15 -6.03 0.54 -38.96
CA THR B 15 -7.35 -0.09 -38.96
C THR B 15 -7.36 -1.43 -39.69
N VAL B 16 -6.51 -1.61 -40.70
CA VAL B 16 -6.49 -2.83 -41.50
C VAL B 16 -5.11 -3.43 -41.44
N LYS B 17 -5.03 -4.76 -41.58
CA LYS B 17 -3.76 -5.46 -41.42
C LYS B 17 -2.87 -5.33 -42.65
N THR B 18 -3.36 -5.77 -43.81
CA THR B 18 -2.51 -5.90 -44.99
C THR B 18 -2.15 -4.54 -45.59
N GLY B 19 -3.16 -3.81 -46.08
CA GLY B 19 -2.91 -2.52 -46.68
C GLY B 19 -2.45 -1.49 -45.66
N HIS B 20 -1.60 -0.58 -46.12
CA HIS B 20 -1.05 0.44 -45.23
C HIS B 20 -0.70 1.72 -45.98
N ASN B 21 -1.58 2.71 -45.95
CA ASN B 21 -1.27 4.02 -46.50
C ASN B 21 -1.42 5.09 -45.42
N LYS B 22 -1.16 6.35 -45.77
CA LYS B 22 -1.23 7.43 -44.80
C LYS B 22 -2.65 7.67 -44.30
N THR B 23 -3.64 7.34 -45.12
CA THR B 23 -5.03 7.51 -44.71
C THR B 23 -5.42 6.47 -43.65
N ASN B 24 -5.01 5.23 -43.84
CA ASN B 24 -5.42 4.17 -42.92
C ASN B 24 -4.69 4.28 -41.58
N THR B 25 -3.42 4.68 -41.60
CA THR B 25 -2.61 4.72 -40.39
C THR B 25 -1.70 5.94 -40.38
N GLN B 26 -1.43 6.46 -39.18
CA GLN B 26 -0.46 7.52 -38.97
C GLN B 26 0.42 7.15 -37.78
N GLU B 27 1.16 8.13 -37.28
CA GLU B 27 2.03 7.96 -36.13
C GLU B 27 1.46 8.75 -34.96
N ILE B 28 1.57 8.19 -33.76
CA ILE B 28 1.12 8.85 -32.54
C ILE B 28 2.33 9.39 -31.82
N LEU B 29 2.30 10.69 -31.49
CA LEU B 29 3.43 11.35 -30.83
C LEU B 29 3.39 11.05 -29.34
N VAL B 30 3.70 9.80 -29.03
CA VAL B 30 3.66 9.27 -27.67
C VAL B 30 4.73 9.91 -26.80
N GLN B 31 4.45 10.02 -25.50
CA GLN B 31 5.45 10.41 -24.53
C GLN B 31 6.25 9.18 -24.08
N ASP B 32 7.10 9.40 -23.07
CA ASP B 32 7.90 8.31 -22.54
C ASP B 32 7.17 7.61 -21.40
N ASP B 33 5.93 7.21 -21.63
CA ASP B 33 5.13 6.47 -20.66
C ASP B 33 4.55 5.19 -21.26
N ILE B 34 5.13 4.71 -22.36
CA ILE B 34 4.59 3.54 -23.03
C ILE B 34 4.78 2.31 -22.16
N SER B 35 3.78 1.44 -22.15
CA SER B 35 3.86 0.19 -21.39
C SER B 35 2.93 -0.83 -22.02
N TRP B 36 3.50 -1.83 -22.69
CA TRP B 36 2.72 -2.89 -23.31
C TRP B 36 3.26 -4.24 -22.87
N GLY B 37 2.50 -5.28 -23.14
CA GLY B 37 2.89 -6.62 -22.77
C GLY B 37 1.69 -7.52 -22.63
N GLN B 38 1.99 -8.80 -22.40
CA GLN B 38 0.96 -9.82 -22.25
C GLN B 38 1.35 -10.75 -21.11
N ASP B 39 0.34 -11.32 -20.45
CA ASP B 39 0.55 -12.22 -19.34
C ASP B 39 -0.31 -13.47 -19.54
N SER B 40 0.05 -14.56 -18.87
CA SER B 40 -0.64 -15.82 -19.00
C SER B 40 -1.11 -16.31 -17.63
N ASN B 41 -2.21 -17.05 -17.64
CA ASN B 41 -2.76 -17.65 -16.42
C ASN B 41 -2.16 -19.04 -16.26
N SER B 42 -1.35 -19.22 -15.23
CA SER B 42 -0.64 -20.47 -14.99
C SER B 42 -1.16 -21.11 -13.71
N THR B 43 -1.47 -22.39 -13.77
CA THR B 43 -1.96 -23.15 -12.62
C THR B 43 -0.88 -24.12 -12.16
N ASP B 44 -0.62 -24.13 -10.86
CA ASP B 44 0.39 -24.99 -10.26
C ASP B 44 -0.29 -26.18 -9.58
N ILE B 45 0.14 -27.38 -9.93
CA ILE B 45 -0.42 -28.61 -9.38
C ILE B 45 0.50 -29.11 -8.28
N THR B 46 0.00 -29.19 -7.06
CA THR B 46 0.75 -29.68 -5.92
C THR B 46 0.03 -30.87 -5.29
N VAL B 47 0.80 -31.75 -4.66
CA VAL B 47 0.27 -32.94 -4.03
C VAL B 47 0.39 -32.81 -2.52
N ASN B 48 -0.71 -33.07 -1.81
CA ASN B 48 -0.76 -32.98 -0.36
C ASN B 48 -1.44 -34.23 0.17
N GLU B 49 -0.65 -35.26 0.47
CA GLU B 49 -1.18 -36.52 0.97
C GLU B 49 -0.50 -36.87 2.29
N ALA B 50 -1.26 -37.52 3.17
CA ALA B 50 -0.77 -37.84 4.50
C ALA B 50 0.02 -39.14 4.49
N GLY B 51 1.31 -39.03 4.19
CA GLY B 51 2.18 -40.19 4.22
C GLY B 51 3.44 -39.91 5.01
N PRO B 52 4.24 -40.97 5.20
CA PRO B 52 5.52 -40.80 5.89
C PRO B 52 6.56 -40.11 5.01
N ARG B 53 6.42 -40.29 3.70
CA ARG B 53 7.26 -39.63 2.72
C ARG B 53 6.42 -38.75 1.81
N PRO B 54 6.34 -37.46 2.08
CA PRO B 54 5.56 -36.57 1.21
C PRO B 54 6.19 -36.45 -0.18
N THR B 55 5.33 -36.24 -1.16
CA THR B 55 5.74 -36.08 -2.56
C THR B 55 5.82 -34.58 -2.82
N ARG B 56 6.96 -33.99 -2.51
CA ARG B 56 7.17 -32.55 -2.66
C ARG B 56 7.55 -32.25 -4.11
N GLY B 57 6.58 -31.73 -4.87
CA GLY B 57 6.81 -31.35 -6.24
C GLY B 57 5.65 -30.54 -6.75
N SER B 58 5.90 -29.81 -7.83
CA SER B 58 4.87 -28.93 -8.38
C SER B 58 5.03 -28.73 -9.88
N LYS B 59 4.31 -29.51 -10.68
CA LYS B 59 4.24 -29.23 -12.10
C LYS B 59 3.41 -27.97 -12.34
N ARG B 60 3.90 -27.11 -13.22
CA ARG B 60 3.21 -25.88 -13.56
C ARG B 60 2.76 -25.92 -15.01
N PHE B 61 1.50 -25.58 -15.24
CA PHE B 61 0.89 -25.62 -16.56
C PHE B 61 0.38 -24.24 -16.94
N ASN B 62 0.58 -23.87 -18.20
CA ASN B 62 -0.03 -22.68 -18.77
C ASN B 62 -1.37 -23.08 -19.38
N ASP B 63 -2.46 -22.53 -18.85
CA ASP B 63 -3.80 -22.94 -19.26
C ASP B 63 -4.51 -21.94 -20.15
N SER B 64 -4.13 -20.67 -20.12
CA SER B 64 -4.79 -19.67 -20.95
C SER B 64 -3.94 -18.42 -21.01
N LEU B 65 -4.30 -17.53 -21.92
CA LEU B 65 -3.65 -16.24 -22.07
C LEU B 65 -4.62 -15.13 -21.66
N ASN B 66 -4.08 -14.07 -21.08
CA ASN B 66 -4.88 -12.92 -20.71
C ASN B 66 -4.99 -12.00 -21.94
N ALA B 67 -5.52 -10.79 -21.76
CA ALA B 67 -5.61 -9.82 -22.83
C ALA B 67 -4.43 -8.87 -22.77
N ALA B 68 -3.79 -8.67 -23.92
CA ALA B 68 -2.63 -7.80 -23.99
C ALA B 68 -3.01 -6.37 -23.61
N GLU B 69 -2.19 -5.76 -22.78
CA GLU B 69 -2.48 -4.46 -22.20
C GLU B 69 -1.42 -3.46 -22.65
N TRP B 70 -1.86 -2.29 -23.10
CA TRP B 70 -0.96 -1.22 -23.53
C TRP B 70 -1.54 0.10 -23.07
N SER B 71 -0.67 1.04 -22.70
CA SER B 71 -1.10 2.37 -22.27
C SER B 71 -0.02 3.40 -22.60
N PHE B 72 -0.18 4.06 -23.74
CA PHE B 72 0.69 5.18 -24.05
C PHE B 72 -0.01 6.51 -23.75
N SER B 73 0.78 7.57 -23.66
CA SER B 73 0.31 8.88 -23.21
C SER B 73 0.69 9.93 -24.26
N THR B 74 -0.19 10.14 -25.24
CA THR B 74 0.07 11.14 -26.27
C THR B 74 -0.43 12.51 -25.85
N TYR B 75 -0.32 13.49 -26.75
CA TYR B 75 -0.69 14.87 -26.47
C TYR B 75 -2.06 15.17 -27.08
N ILE B 76 -2.56 16.36 -26.77
CA ILE B 76 -3.79 16.88 -27.37
C ILE B 76 -3.34 17.95 -28.37
N LEU B 77 -3.33 17.60 -29.66
CA LEU B 77 -2.77 18.46 -30.68
C LEU B 77 -3.75 18.64 -31.83
N PRO B 78 -4.78 19.47 -31.69
CA PRO B 78 -5.67 19.72 -32.83
C PRO B 78 -5.00 20.60 -33.87
N TYR B 79 -4.78 20.07 -35.07
CA TYR B 79 -4.10 20.80 -36.13
C TYR B 79 -4.91 20.72 -37.42
N LYS B 80 -4.83 21.79 -38.21
CA LYS B 80 -5.51 21.82 -39.50
C LYS B 80 -4.87 20.84 -40.47
N ASP B 81 -5.70 20.12 -41.22
CA ASP B 81 -5.23 19.12 -42.17
C ASP B 81 -5.01 19.78 -43.52
N LYS B 82 -3.83 19.54 -44.10
CA LYS B 82 -3.49 20.16 -45.38
C LYS B 82 -4.30 19.57 -46.52
N ASN B 83 -4.51 18.25 -46.51
CA ASN B 83 -5.25 17.59 -47.57
C ASN B 83 -6.70 18.07 -47.68
N THR B 84 -7.39 18.20 -46.56
CA THR B 84 -8.75 18.73 -46.52
C THR B 84 -8.81 19.73 -45.38
N SER B 85 -9.36 20.91 -45.64
CA SER B 85 -9.33 21.98 -44.64
C SER B 85 -10.30 21.68 -43.50
N LYS B 86 -10.03 20.61 -42.76
CA LYS B 86 -10.79 20.23 -41.58
C LYS B 86 -9.81 19.82 -40.49
N GLN B 87 -9.91 20.48 -39.34
CA GLN B 87 -8.92 20.27 -38.28
C GLN B 87 -9.08 18.88 -37.68
N ILE B 88 -7.96 18.16 -37.58
CA ILE B 88 -7.94 16.78 -37.13
C ILE B 88 -6.78 16.58 -36.17
N VAL B 89 -7.05 15.88 -35.06
CA VAL B 89 -6.00 15.52 -34.11
C VAL B 89 -5.21 14.35 -34.70
N PRO B 90 -3.93 14.19 -34.35
CA PRO B 90 -3.13 13.11 -34.97
C PRO B 90 -3.61 11.71 -34.64
N ASP B 91 -4.40 11.53 -33.58
CA ASP B 91 -4.85 10.22 -33.13
C ASP B 91 -6.37 10.08 -33.23
N TYR B 92 -6.95 10.53 -34.34
CA TYR B 92 -8.40 10.58 -34.44
C TYR B 92 -9.02 9.18 -34.46
N MET B 93 -8.28 8.18 -34.93
CA MET B 93 -8.83 6.82 -34.94
C MET B 93 -9.03 6.30 -33.52
N LEU B 94 -8.15 6.69 -32.60
CA LEU B 94 -8.34 6.26 -31.21
C LEU B 94 -9.62 6.83 -30.64
N TRP B 95 -9.89 8.12 -30.88
CA TRP B 95 -11.14 8.71 -30.43
C TRP B 95 -12.34 8.07 -31.10
N HIS B 96 -12.22 7.78 -32.40
CA HIS B 96 -13.30 7.12 -33.12
C HIS B 96 -13.62 5.75 -32.55
N ALA B 97 -12.58 4.96 -32.26
CA ALA B 97 -12.76 3.65 -31.64
C ALA B 97 -13.31 3.78 -30.23
N LEU B 98 -12.99 4.86 -29.52
CA LEU B 98 -13.58 5.09 -28.22
C LEU B 98 -15.07 5.37 -28.32
N SER B 99 -15.48 6.10 -29.35
CA SER B 99 -16.82 6.66 -29.41
C SER B 99 -17.78 5.90 -30.31
N SER B 100 -17.31 5.06 -31.23
CA SER B 100 -18.23 4.45 -32.17
C SER B 100 -17.67 3.12 -32.65
N GLY B 101 -18.58 2.25 -33.11
CA GLY B 101 -18.16 0.98 -33.67
C GLY B 101 -18.08 1.00 -35.18
N ARG B 102 -18.86 1.87 -35.82
CA ARG B 102 -18.83 1.97 -37.27
C ARG B 102 -17.48 2.54 -37.73
N ALA B 103 -17.07 2.13 -38.93
CA ALA B 103 -15.69 2.30 -39.38
C ALA B 103 -15.54 3.59 -40.15
N ILE B 104 -14.91 4.59 -39.52
CA ILE B 104 -14.30 5.73 -40.17
C ILE B 104 -15.29 6.47 -41.07
N ASN B 105 -16.34 7.02 -40.47
CA ASN B 105 -17.21 7.96 -41.17
C ASN B 105 -16.87 9.37 -40.68
N LEU B 106 -15.72 9.88 -41.12
CA LEU B 106 -15.20 11.14 -40.60
C LEU B 106 -16.15 12.31 -40.88
N GLU B 107 -16.72 12.38 -42.08
CA GLU B 107 -17.49 13.55 -42.47
C GLU B 107 -18.85 13.63 -41.80
N GLY B 108 -19.56 12.50 -41.67
CA GLY B 108 -20.95 12.59 -41.25
C GLY B 108 -21.35 12.13 -39.85
N THR B 109 -21.53 13.08 -38.95
CA THR B 109 -22.45 13.00 -37.80
C THR B 109 -22.13 11.90 -36.79
N THR B 110 -21.18 11.01 -37.09
CA THR B 110 -20.94 9.88 -36.19
C THR B 110 -19.99 10.26 -35.06
N GLY B 111 -19.46 9.25 -34.37
CA GLY B 111 -18.54 9.43 -33.27
C GLY B 111 -17.38 10.36 -33.54
N ALA B 112 -16.74 10.25 -34.71
CA ALA B 112 -15.62 11.11 -35.07
C ALA B 112 -16.08 11.99 -36.24
N HIS B 113 -16.73 13.09 -35.92
CA HIS B 113 -17.27 14.01 -36.91
C HIS B 113 -16.54 15.34 -36.81
N ASN B 114 -15.99 15.79 -37.94
CA ASN B 114 -15.17 16.99 -37.99
C ASN B 114 -15.70 17.95 -39.05
N ASN B 115 -15.61 19.24 -38.77
CA ASN B 115 -15.94 20.29 -39.72
C ASN B 115 -14.70 21.10 -40.01
N ALA B 116 -14.87 22.16 -40.80
CA ALA B 116 -13.77 23.09 -41.03
C ALA B 116 -13.38 23.78 -39.73
N THR B 117 -14.34 23.98 -38.83
CA THR B 117 -14.09 24.64 -37.56
C THR B 117 -13.59 23.68 -36.49
N ASN B 118 -14.35 22.63 -36.21
CA ASN B 118 -14.07 21.79 -35.05
C ASN B 118 -13.98 20.32 -35.40
N PHE B 119 -13.02 19.63 -34.79
CA PHE B 119 -13.08 18.18 -34.67
C PHE B 119 -13.78 17.81 -33.38
N MET B 120 -14.63 16.79 -33.45
CA MET B 120 -15.50 16.49 -32.32
C MET B 120 -15.58 14.98 -32.11
N VAL B 121 -15.78 14.58 -30.86
CA VAL B 121 -15.99 13.18 -30.51
C VAL B 121 -17.40 13.05 -29.95
N ASN B 122 -18.27 12.35 -30.66
CA ASN B 122 -19.66 12.17 -30.26
C ASN B 122 -19.86 10.75 -29.75
N PHE B 123 -20.52 10.64 -28.60
CA PHE B 123 -20.74 9.35 -27.96
C PHE B 123 -22.15 8.82 -28.18
N LYS B 124 -22.82 9.26 -29.24
CA LYS B 124 -24.18 8.79 -29.51
C LYS B 124 -24.20 7.37 -30.03
N ASP B 125 -23.14 6.94 -30.72
CA ASP B 125 -23.13 5.67 -31.43
C ASP B 125 -22.26 4.61 -30.77
N ASN B 126 -22.11 4.67 -29.44
CA ASN B 126 -21.32 3.67 -28.72
C ASN B 126 -22.22 2.54 -28.21
N SER B 127 -22.99 1.98 -29.14
CA SER B 127 -23.92 0.91 -28.79
C SER B 127 -23.57 -0.39 -29.52
N TYR B 128 -22.28 -0.74 -29.56
CA TYR B 128 -21.81 -1.93 -30.24
C TYR B 128 -20.83 -2.67 -29.36
N HIS B 129 -20.87 -4.00 -29.42
CA HIS B 129 -19.77 -4.81 -28.92
C HIS B 129 -18.61 -4.76 -29.92
N GLU B 130 -17.41 -5.01 -29.41
CA GLU B 130 -16.21 -5.01 -30.25
C GLU B 130 -16.05 -3.68 -30.97
N LEU B 131 -15.83 -2.61 -30.20
CA LEU B 131 -15.86 -1.24 -30.69
C LEU B 131 -14.64 -0.98 -31.58
N ALA B 132 -14.82 -1.06 -32.89
CA ALA B 132 -13.88 -0.56 -33.88
C ALA B 132 -12.46 -1.10 -33.64
N MET B 133 -12.30 -2.39 -33.87
CA MET B 133 -11.00 -3.04 -33.73
C MET B 133 -9.92 -2.25 -34.47
N LEU B 134 -8.83 -1.95 -33.77
CA LEU B 134 -7.70 -1.23 -34.33
C LEU B 134 -6.43 -2.04 -34.10
N HIS B 135 -5.54 -2.03 -35.09
CA HIS B 135 -4.26 -2.68 -34.95
C HIS B 135 -3.18 -1.63 -34.72
N ILE B 136 -2.44 -1.78 -33.61
CA ILE B 136 -1.44 -0.81 -33.18
C ILE B 136 -0.07 -1.42 -33.33
N TYR B 137 0.79 -0.78 -34.14
CA TYR B 137 2.13 -1.24 -34.41
C TYR B 137 3.11 -0.45 -33.56
N ILE B 138 3.99 -1.15 -32.85
CA ILE B 138 4.92 -0.54 -31.91
C ILE B 138 6.33 -0.77 -32.42
N LEU B 139 7.08 0.31 -32.62
CA LEU B 139 8.48 0.24 -33.00
C LEU B 139 9.36 0.35 -31.77
N THR B 140 9.61 -0.77 -31.10
CA THR B 140 10.66 -0.80 -30.09
C THR B 140 12.01 -0.76 -30.80
N ASP B 141 12.53 0.46 -30.98
CA ASP B 141 13.65 0.72 -31.88
C ASP B 141 13.34 0.17 -33.26
N LYS B 142 13.97 -0.95 -33.63
CA LYS B 142 13.70 -1.61 -34.91
C LYS B 142 13.35 -3.07 -34.62
N THR B 143 12.09 -3.32 -34.28
CA THR B 143 11.57 -4.69 -34.21
C THR B 143 10.20 -4.82 -34.86
N TRP B 144 9.40 -3.76 -34.87
CA TRP B 144 8.09 -3.75 -35.52
C TRP B 144 7.13 -4.81 -34.98
N SER B 145 6.86 -4.77 -33.67
CA SER B 145 5.89 -5.67 -33.05
C SER B 145 4.59 -4.93 -32.81
N TYR B 146 3.47 -5.58 -33.09
CA TYR B 146 2.17 -4.95 -32.92
C TYR B 146 1.33 -5.76 -31.95
N ILE B 147 0.22 -5.16 -31.52
CA ILE B 147 -0.79 -5.83 -30.73
C ILE B 147 -2.04 -5.96 -31.58
N ASP B 148 -2.58 -7.18 -31.68
CA ASP B 148 -3.60 -7.50 -32.66
C ASP B 148 -4.99 -7.16 -32.14
N SER B 149 -5.75 -6.44 -32.97
CA SER B 149 -7.15 -6.13 -32.70
C SER B 149 -7.33 -5.44 -31.35
N CYS B 150 -6.76 -4.23 -31.25
CA CYS B 150 -6.84 -3.45 -30.03
C CYS B 150 -8.13 -2.64 -30.02
N GLN B 151 -8.95 -2.85 -29.00
CA GLN B 151 -10.08 -1.99 -28.71
C GLN B 151 -9.79 -1.25 -27.41
N ILE B 152 -9.80 0.07 -27.47
CA ILE B 152 -9.33 0.84 -26.33
C ILE B 152 -10.36 0.80 -25.21
N ASN B 153 -9.86 0.84 -23.97
CA ASN B 153 -10.68 0.68 -22.79
C ASN B 153 -10.79 1.95 -21.97
N GLN B 154 -9.80 2.84 -22.04
CA GLN B 154 -9.79 4.04 -21.22
C GLN B 154 -9.03 5.15 -21.92
N ALA B 155 -9.52 6.38 -21.75
CA ALA B 155 -8.84 7.58 -22.18
C ALA B 155 -8.99 8.65 -21.10
N GLU B 156 -7.88 9.07 -20.52
CA GLU B 156 -7.91 9.94 -19.36
C GLU B 156 -7.23 11.27 -19.67
N VAL B 157 -7.91 12.37 -19.34
CA VAL B 157 -7.33 13.70 -19.42
C VAL B 157 -7.06 14.18 -18.01
N ASN B 158 -5.83 14.62 -17.75
CA ASN B 158 -5.43 15.12 -16.45
C ASN B 158 -5.10 16.59 -16.58
N VAL B 159 -5.91 17.45 -15.98
CA VAL B 159 -5.67 18.88 -15.99
C VAL B 159 -4.63 19.16 -14.90
N ASP B 160 -3.36 19.09 -15.26
CA ASP B 160 -2.30 19.24 -14.28
C ASP B 160 -2.09 20.70 -13.88
N ILE B 161 -2.84 21.60 -14.51
CA ILE B 161 -2.74 23.06 -14.25
C ILE B 161 -1.36 23.67 -14.46
N GLU B 162 -0.38 22.87 -14.86
CA GLU B 162 0.98 23.36 -15.06
C GLU B 162 1.73 22.52 -16.09
N ASP B 163 1.02 21.78 -16.94
CA ASP B 163 1.66 20.94 -17.95
C ASP B 163 0.77 20.89 -19.18
N ILE B 164 1.36 20.48 -20.30
CA ILE B 164 0.63 20.46 -21.57
C ILE B 164 -0.45 19.39 -21.54
N GLY B 165 -1.54 19.65 -22.24
CA GLY B 165 -2.64 18.69 -22.27
C GLY B 165 -2.24 17.38 -22.91
N ARG B 166 -2.47 16.28 -22.20
CA ARG B 166 -2.08 14.96 -22.65
C ARG B 166 -3.12 13.94 -22.20
N VAL B 167 -3.46 13.03 -23.12
CA VAL B 167 -4.39 11.94 -22.83
C VAL B 167 -3.59 10.66 -22.68
N THR B 168 -4.13 9.72 -21.89
CA THR B 168 -3.43 8.47 -21.58
C THR B 168 -4.35 7.31 -21.95
N TRP B 169 -4.23 6.83 -23.18
CA TRP B 169 -5.07 5.74 -23.67
C TRP B 169 -4.71 4.43 -22.97
N SER B 170 -5.65 3.49 -23.03
CA SER B 170 -5.45 2.14 -22.53
C SER B 170 -6.39 1.21 -23.25
N GLY B 171 -5.87 0.05 -23.67
CA GLY B 171 -6.68 -0.88 -24.44
C GLY B 171 -6.24 -2.32 -24.31
N ASN B 172 -7.20 -3.25 -24.41
CA ASN B 172 -6.92 -4.67 -24.25
C ASN B 172 -6.84 -5.36 -25.60
N GLY B 173 -5.63 -5.52 -26.15
CA GLY B 173 -5.44 -6.22 -27.40
C GLY B 173 -5.52 -7.74 -27.28
N ASN B 174 -5.84 -8.42 -28.38
CA ASN B 174 -5.96 -9.87 -28.35
C ASN B 174 -4.61 -10.54 -28.12
N GLN B 175 -3.60 -10.17 -28.91
CA GLN B 175 -2.34 -10.89 -28.89
C GLN B 175 -1.20 -9.96 -29.33
N LEU B 176 -0.02 -10.22 -28.81
CA LEU B 176 1.18 -9.46 -29.13
C LEU B 176 2.04 -10.30 -30.07
N ILE B 177 2.23 -9.81 -31.30
CA ILE B 177 2.90 -10.57 -32.36
C ILE B 177 4.15 -9.81 -32.77
N PRO B 178 5.32 -10.49 -32.85
CA PRO B 178 6.58 -9.76 -33.10
C PRO B 178 6.78 -9.22 -34.51
N LEU B 179 6.54 -10.01 -35.55
CA LEU B 179 6.80 -9.58 -36.92
C LEU B 179 8.24 -9.12 -37.15
N ASP B 180 9.19 -10.06 -37.16
CA ASP B 180 10.58 -9.75 -37.45
C ASP B 180 10.75 -8.80 -38.65
N GLU B 181 9.85 -8.86 -39.63
CA GLU B 181 9.91 -8.00 -40.80
C GLU B 181 9.00 -6.78 -40.64
N GLN B 182 9.27 -5.76 -41.44
CA GLN B 182 8.51 -4.52 -41.37
C GLN B 182 7.12 -4.70 -41.95
N PRO B 183 6.06 -4.27 -41.26
CA PRO B 183 4.73 -4.24 -41.91
C PRO B 183 4.64 -3.20 -43.01
N PHE B 184 5.03 -1.95 -42.72
CA PHE B 184 5.00 -0.90 -43.73
C PHE B 184 6.23 -0.01 -43.63
N ASP B 185 6.23 1.11 -44.35
CA ASP B 185 7.37 2.01 -44.37
C ASP B 185 7.20 3.05 -43.27
N PRO B 186 8.13 3.12 -42.31
CA PRO B 186 7.92 3.99 -41.14
C PRO B 186 7.89 5.48 -41.47
N ASP B 187 8.92 6.00 -42.14
CA ASP B 187 9.08 7.46 -42.22
C ASP B 187 8.00 8.09 -43.08
N GLN B 188 7.62 7.45 -44.19
CA GLN B 188 6.59 8.04 -45.05
C GLN B 188 5.24 8.09 -44.34
N ILE B 189 4.89 7.04 -43.60
CA ILE B 189 3.61 6.99 -42.91
C ILE B 189 3.51 7.98 -41.76
N GLY B 190 4.59 8.16 -41.00
CA GLY B 190 4.52 8.92 -39.78
C GLY B 190 4.98 10.36 -39.85
N ILE B 191 4.16 11.26 -39.28
CA ILE B 191 4.40 12.68 -39.04
C ILE B 191 5.49 13.29 -39.91
N ASP B 192 5.10 14.00 -40.96
CA ASP B 192 6.03 14.79 -41.75
C ASP B 192 6.35 16.09 -41.04
N ASP B 193 7.42 16.75 -41.49
CA ASP B 193 7.84 18.00 -40.86
C ASP B 193 6.80 19.10 -41.00
N GLU B 194 6.13 19.17 -42.16
CA GLU B 194 5.12 20.20 -42.37
C GLU B 194 3.97 20.06 -41.39
N THR B 195 3.51 18.82 -41.17
CA THR B 195 2.50 18.57 -40.15
C THR B 195 3.07 18.84 -38.76
N TYR B 196 4.34 18.50 -38.54
CA TYR B 196 4.94 18.64 -37.22
C TYR B 196 5.04 20.11 -36.82
N MET B 197 5.14 21.01 -37.80
CA MET B 197 5.14 22.43 -37.47
C MET B 197 3.82 22.86 -36.86
N THR B 198 2.70 22.50 -37.49
CA THR B 198 1.40 22.83 -36.93
C THR B 198 1.18 22.12 -35.60
N ILE B 199 1.72 20.91 -35.47
CA ILE B 199 1.67 20.20 -34.20
C ILE B 199 2.35 21.01 -33.10
N GLN B 200 3.55 21.53 -33.39
CA GLN B 200 4.24 22.39 -32.42
C GLN B 200 3.46 23.67 -32.16
N GLY B 201 2.69 24.12 -33.15
CA GLY B 201 1.86 25.29 -32.94
C GLY B 201 0.54 25.05 -32.23
N SER B 202 0.15 23.80 -32.03
CA SER B 202 -1.21 23.52 -31.56
C SER B 202 -1.26 23.17 -30.07
N TYR B 203 -0.14 23.32 -29.35
CA TYR B 203 -0.09 22.89 -27.95
C TYR B 203 -1.08 23.62 -27.05
N ILE B 204 -1.51 22.98 -25.97
CA ILE B 204 -2.47 23.53 -25.02
C ILE B 204 -1.75 23.65 -23.68
N LYS B 205 -1.83 24.83 -23.07
CA LYS B 205 -1.06 25.14 -21.86
C LYS B 205 -1.63 24.50 -20.59
N ASN B 206 -2.95 24.36 -20.52
CA ASN B 206 -3.69 23.84 -19.36
C ASN B 206 -3.76 24.82 -18.20
N LYS B 207 -3.07 25.95 -18.30
CA LYS B 207 -3.21 26.97 -17.27
C LYS B 207 -4.31 27.96 -17.62
N LEU B 208 -5.00 27.75 -18.73
CA LEU B 208 -6.10 28.61 -19.17
C LEU B 208 -7.44 27.89 -19.12
N THR B 209 -7.50 26.75 -18.41
CA THR B 209 -8.74 25.99 -18.34
C THR B 209 -9.82 26.76 -17.59
N ILE B 210 -11.05 26.62 -18.05
CA ILE B 210 -12.19 27.32 -17.47
C ILE B 210 -13.30 26.31 -17.19
N LEU B 211 -13.92 26.42 -16.02
CA LEU B 211 -15.07 25.60 -15.70
C LEU B 211 -16.36 26.39 -15.87
N LYS B 212 -17.39 25.72 -16.38
CA LYS B 212 -18.68 26.36 -16.68
C LYS B 212 -19.82 25.53 -16.10
N ILE B 213 -19.69 25.17 -14.82
CA ILE B 213 -20.76 24.45 -14.15
C ILE B 213 -22.03 25.28 -14.13
N LYS B 214 -23.13 24.71 -14.59
CA LYS B 214 -24.43 25.35 -14.55
C LYS B 214 -25.45 24.34 -14.04
N ASP B 215 -26.40 24.82 -13.25
CA ASP B 215 -27.43 23.99 -12.66
C ASP B 215 -28.65 23.98 -13.57
N MET B 216 -28.91 22.84 -14.21
CA MET B 216 -30.07 22.75 -15.08
C MET B 216 -31.36 22.87 -14.29
N ASP B 217 -31.33 22.51 -13.00
CA ASP B 217 -32.53 22.60 -12.17
C ASP B 217 -32.91 24.05 -11.89
N THR B 218 -31.92 24.91 -11.60
CA THR B 218 -32.18 26.27 -11.16
C THR B 218 -31.64 27.33 -12.12
N ASN B 219 -31.02 26.92 -13.23
CA ASN B 219 -30.45 27.83 -14.22
C ASN B 219 -29.48 28.82 -13.56
N LYS B 220 -28.61 28.26 -12.73
CA LYS B 220 -27.63 29.03 -11.98
C LYS B 220 -26.24 28.69 -12.47
N SER B 221 -25.47 29.70 -12.86
CA SER B 221 -24.14 29.52 -13.42
C SER B 221 -23.09 29.91 -12.39
N TYR B 222 -22.09 29.06 -12.22
CA TYR B 222 -21.04 29.26 -11.23
C TYR B 222 -19.73 29.62 -11.90
N ASP B 223 -19.06 30.63 -11.36
CA ASP B 223 -17.72 31.05 -11.81
C ASP B 223 -16.70 30.36 -10.93
N ILE B 224 -16.13 29.27 -11.43
CA ILE B 224 -15.26 28.39 -10.66
C ILE B 224 -13.88 28.36 -11.33
N PRO B 225 -12.83 28.87 -10.69
CA PRO B 225 -11.48 28.71 -11.25
C PRO B 225 -10.88 27.36 -10.89
N ILE B 226 -10.64 26.51 -11.89
CA ILE B 226 -10.08 25.20 -11.63
C ILE B 226 -8.63 25.31 -11.20
N THR B 227 -8.30 24.67 -10.08
CA THR B 227 -6.92 24.54 -9.62
C THR B 227 -6.36 23.15 -9.91
N GLY B 228 -7.08 22.36 -10.68
CA GLY B 228 -6.68 21.00 -10.99
C GLY B 228 -7.92 20.15 -11.12
N GLY B 229 -7.75 18.99 -11.76
CA GLY B 229 -8.86 18.10 -11.98
C GLY B 229 -8.45 16.90 -12.80
N THR B 230 -9.45 16.07 -13.10
CA THR B 230 -9.23 14.81 -13.79
C THR B 230 -10.45 14.56 -14.69
N PHE B 231 -10.25 13.73 -15.70
CA PHE B 231 -11.33 13.33 -16.60
C PHE B 231 -10.96 11.99 -17.20
N THR B 232 -11.96 11.11 -17.32
CA THR B 232 -11.69 9.75 -17.79
C THR B 232 -12.92 9.21 -18.52
N ILE B 233 -12.69 8.51 -19.62
CA ILE B 233 -13.71 7.74 -20.32
C ILE B 233 -13.34 6.28 -20.22
N ASN B 234 -14.28 5.45 -19.75
CA ASN B 234 -13.97 4.05 -19.44
C ASN B 234 -15.03 3.15 -20.07
N ASN B 235 -14.76 2.70 -21.30
CA ASN B 235 -15.54 1.61 -21.87
C ASN B 235 -15.08 0.29 -21.26
N ASN B 236 -15.84 -0.20 -20.28
CA ASN B 236 -15.47 -1.40 -19.55
C ASN B 236 -15.46 -2.58 -20.50
N ILE B 237 -14.27 -3.09 -20.82
CA ILE B 237 -14.10 -4.22 -21.74
C ILE B 237 -13.66 -5.43 -20.93
N THR B 238 -14.44 -6.50 -21.02
CA THR B 238 -14.09 -7.77 -20.40
C THR B 238 -13.95 -8.83 -21.47
N TYR B 239 -12.80 -9.48 -21.51
CA TYR B 239 -12.45 -10.41 -22.58
C TYR B 239 -12.86 -11.82 -22.22
N LEU B 240 -13.52 -12.49 -23.16
CA LEU B 240 -14.03 -13.84 -22.96
C LEU B 240 -13.01 -14.83 -23.50
N THR B 241 -12.41 -15.62 -22.59
CA THR B 241 -11.40 -16.59 -22.95
C THR B 241 -11.94 -18.00 -22.76
N PRO B 242 -12.01 -18.81 -23.82
CA PRO B 242 -12.45 -20.20 -23.65
C PRO B 242 -11.48 -20.98 -22.79
N ASN B 243 -12.02 -21.95 -22.06
CA ASN B 243 -11.25 -22.76 -21.12
C ASN B 243 -11.10 -24.17 -21.69
N VAL B 244 -9.96 -24.44 -22.30
CA VAL B 244 -9.60 -25.77 -22.79
C VAL B 244 -8.49 -26.31 -21.90
N MET B 245 -8.71 -27.52 -21.37
CA MET B 245 -7.80 -28.06 -20.36
C MET B 245 -6.41 -28.31 -20.93
N SER B 246 -6.33 -28.88 -22.13
CA SER B 246 -5.08 -29.40 -22.67
C SER B 246 -4.46 -28.49 -23.73
N ARG B 247 -4.86 -27.22 -23.77
CA ARG B 247 -4.31 -26.30 -24.76
C ARG B 247 -4.26 -24.90 -24.16
N VAL B 248 -3.43 -24.05 -24.77
CA VAL B 248 -3.34 -22.65 -24.39
C VAL B 248 -4.24 -21.85 -25.32
N THR B 249 -5.23 -21.18 -24.73
CA THR B 249 -6.28 -20.50 -25.49
C THR B 249 -6.10 -18.99 -25.38
N ILE B 250 -6.26 -18.30 -26.50
CA ILE B 250 -6.19 -16.84 -26.54
C ILE B 250 -7.62 -16.29 -26.48
N PRO B 251 -7.82 -15.08 -25.97
CA PRO B 251 -9.19 -14.56 -25.86
C PRO B 251 -9.84 -14.39 -27.23
N ILE B 252 -11.14 -14.66 -27.29
CA ILE B 252 -11.95 -14.46 -28.49
C ILE B 252 -13.09 -13.52 -28.11
N GLY B 253 -13.28 -12.47 -28.90
CA GLY B 253 -14.29 -11.48 -28.60
C GLY B 253 -13.86 -10.54 -27.48
N SER B 254 -14.60 -9.44 -27.36
CA SER B 254 -14.27 -8.44 -26.34
C SER B 254 -15.46 -7.96 -25.53
N PHE B 255 -16.69 -8.05 -26.06
CA PHE B 255 -17.89 -7.54 -25.39
C PHE B 255 -17.68 -6.05 -25.08
N THR B 256 -18.51 -5.50 -24.19
CA THR B 256 -18.38 -4.11 -23.76
C THR B 256 -19.17 -3.93 -22.47
N GLY B 257 -18.89 -2.87 -21.71
CA GLY B 257 -19.58 -2.61 -20.46
C GLY B 257 -20.28 -1.28 -20.48
N ALA B 258 -20.44 -0.68 -19.31
CA ALA B 258 -21.16 0.57 -19.15
C ALA B 258 -20.24 1.73 -19.45
N PHE B 259 -20.62 2.57 -20.42
CA PHE B 259 -19.85 3.77 -20.72
C PHE B 259 -19.83 4.69 -19.51
N GLU B 260 -18.63 5.07 -19.07
CA GLU B 260 -18.45 5.83 -17.83
C GLU B 260 -17.62 7.08 -18.14
N LEU B 261 -18.29 8.16 -18.53
CA LEU B 261 -17.61 9.44 -18.65
C LEU B 261 -17.54 10.09 -17.27
N THR B 262 -16.38 10.00 -16.63
CA THR B 262 -16.23 10.41 -15.25
C THR B 262 -15.08 11.41 -15.17
N GLY B 263 -15.10 12.23 -14.12
CA GLY B 263 -14.04 13.19 -13.93
C GLY B 263 -14.04 13.70 -12.51
N SER B 264 -13.09 14.60 -12.25
CA SER B 264 -12.96 15.23 -10.94
C SER B 264 -12.57 16.67 -11.14
N LEU B 265 -12.99 17.52 -10.20
CA LEU B 265 -12.74 18.95 -10.29
C LEU B 265 -12.35 19.48 -8.92
N THR B 266 -11.20 20.16 -8.86
CA THR B 266 -10.73 20.78 -7.63
C THR B 266 -10.61 22.27 -7.85
N ALA B 267 -11.14 23.05 -6.91
CA ALA B 267 -11.10 24.50 -6.99
C ALA B 267 -10.94 25.09 -5.60
N TYR B 268 -10.35 26.29 -5.55
CA TYR B 268 -10.17 26.98 -4.29
C TYR B 268 -11.51 27.52 -3.79
N LEU B 269 -11.58 27.75 -2.47
CA LEU B 269 -12.80 28.18 -1.82
C LEU B 269 -12.90 29.70 -1.87
N ASN B 270 -13.79 30.20 -2.73
CA ASN B 270 -14.08 31.62 -2.83
C ASN B 270 -15.49 31.87 -2.27
N ASP B 271 -15.58 32.85 -1.38
CA ASP B 271 -16.84 33.20 -0.73
C ASP B 271 -17.58 34.30 -1.50
N LYS B 272 -17.27 34.47 -2.78
CA LYS B 272 -17.94 35.47 -3.59
C LYS B 272 -19.27 34.94 -4.10
N SER B 273 -19.97 35.73 -4.92
CA SER B 273 -21.25 35.35 -5.48
C SER B 273 -21.02 34.38 -6.63
N LEU B 274 -21.84 33.32 -6.69
CA LEU B 274 -21.72 32.28 -7.71
C LEU B 274 -20.33 31.65 -7.70
N GLY B 275 -19.72 31.58 -6.52
CA GLY B 275 -18.39 31.03 -6.37
C GLY B 275 -18.43 29.56 -5.98
N SER B 276 -17.23 29.03 -5.69
CA SER B 276 -17.12 27.64 -5.27
C SER B 276 -17.86 27.40 -3.95
N MET B 277 -17.80 28.37 -3.04
CA MET B 277 -18.52 28.23 -1.78
C MET B 277 -20.03 28.18 -2.01
N GLU B 278 -20.52 28.94 -2.99
CA GLU B 278 -21.94 28.89 -3.30
C GLU B 278 -22.35 27.52 -3.84
N LEU B 279 -21.53 26.93 -4.71
CA LEU B 279 -21.81 25.57 -5.17
C LEU B 279 -21.78 24.58 -4.02
N TYR B 280 -20.80 24.72 -3.13
CA TYR B 280 -20.71 23.82 -1.98
C TYR B 280 -21.97 23.93 -1.11
N LYS B 281 -22.41 25.16 -0.83
CA LYS B 281 -23.60 25.35 -0.02
C LYS B 281 -24.85 24.81 -0.71
N ASP B 282 -24.95 25.01 -2.02
CA ASP B 282 -26.11 24.50 -2.76
C ASP B 282 -26.14 22.98 -2.72
N LEU B 283 -24.99 22.33 -2.85
CA LEU B 283 -24.97 20.87 -2.88
C LEU B 283 -25.15 20.27 -1.49
N ILE B 284 -24.67 20.95 -0.45
CA ILE B 284 -24.73 20.36 0.89
C ILE B 284 -26.06 20.67 1.57
N LYS B 285 -26.63 21.85 1.30
CA LYS B 285 -27.88 22.22 1.95
C LYS B 285 -29.06 21.47 1.36
N THR B 286 -29.12 21.35 0.04
CA THR B 286 -30.20 20.66 -0.66
C THR B 286 -29.70 19.27 -1.04
N LEU B 287 -30.36 18.24 -0.51
CA LEU B 287 -30.03 16.85 -0.82
C LEU B 287 -31.01 16.33 -1.84
N LYS B 288 -30.52 15.98 -3.03
CA LYS B 288 -31.34 15.48 -4.11
C LYS B 288 -30.85 14.09 -4.52
N VAL B 289 -31.81 13.24 -4.90
CA VAL B 289 -31.47 11.89 -5.34
C VAL B 289 -30.64 11.97 -6.62
N VAL B 290 -31.04 12.81 -7.57
CA VAL B 290 -30.34 12.99 -8.83
C VAL B 290 -30.07 14.47 -9.04
N ASN B 291 -28.84 14.81 -9.38
CA ASN B 291 -28.47 16.17 -9.73
C ASN B 291 -28.25 16.27 -11.25
N ARG B 292 -28.69 17.38 -11.82
CA ARG B 292 -28.56 17.62 -13.25
C ARG B 292 -27.72 18.87 -13.45
N PHE B 293 -26.47 18.68 -13.87
CA PHE B 293 -25.54 19.78 -14.08
C PHE B 293 -25.05 19.77 -15.51
N GLU B 294 -24.78 20.96 -16.03
CA GLU B 294 -24.16 21.13 -17.33
C GLU B 294 -22.72 21.58 -17.09
N ILE B 295 -21.77 20.67 -17.29
CA ILE B 295 -20.37 20.92 -16.98
C ILE B 295 -19.62 21.04 -18.30
N ALA B 296 -19.01 22.20 -18.52
CA ALA B 296 -18.21 22.45 -19.72
C ALA B 296 -16.78 22.74 -19.30
N LEU B 297 -15.91 21.76 -19.51
CA LEU B 297 -14.50 21.87 -19.16
C LEU B 297 -13.71 22.13 -20.44
N VAL B 298 -13.15 23.32 -20.56
CA VAL B 298 -12.35 23.70 -21.73
C VAL B 298 -10.89 23.63 -21.33
N LEU B 299 -10.14 22.75 -22.00
CA LEU B 299 -8.72 22.63 -21.70
C LEU B 299 -7.97 23.92 -22.03
N GLY B 300 -8.42 24.62 -23.07
CA GLY B 300 -7.93 25.95 -23.36
C GLY B 300 -8.78 27.02 -22.70
N GLY B 301 -8.54 28.26 -23.11
CA GLY B 301 -9.36 29.36 -22.66
C GLY B 301 -10.34 29.82 -23.73
N GLU B 302 -11.20 30.77 -23.34
CA GLU B 302 -12.06 31.47 -24.28
C GLU B 302 -11.48 32.86 -24.51
N TYR B 303 -10.99 33.11 -25.71
CA TYR B 303 -10.38 34.39 -26.07
C TYR B 303 -11.05 34.94 -27.30
N ASP B 304 -11.12 36.27 -27.38
CA ASP B 304 -11.66 36.95 -28.56
C ASP B 304 -10.59 36.91 -29.64
N ASP B 305 -10.19 35.70 -30.00
CA ASP B 305 -9.09 35.45 -30.92
C ASP B 305 -9.05 33.96 -31.23
N GLU B 306 -8.21 33.55 -32.17
CA GLU B 306 -8.09 32.14 -32.54
C GLU B 306 -6.98 31.50 -31.70
N ARG B 307 -7.38 30.66 -30.74
CA ARG B 307 -6.46 29.98 -29.85
C ARG B 307 -6.81 28.51 -29.82
N PRO B 308 -5.81 27.63 -29.68
CA PRO B 308 -6.11 26.20 -29.54
C PRO B 308 -6.83 25.90 -28.24
N ALA B 309 -7.70 24.90 -28.29
CA ALA B 309 -8.45 24.49 -27.11
C ALA B 309 -8.99 23.08 -27.35
N ALA B 310 -9.31 22.40 -26.25
CA ALA B 310 -9.92 21.07 -26.28
C ALA B 310 -11.14 21.12 -25.36
N ILE B 311 -12.27 21.54 -25.93
CA ILE B 311 -13.46 21.73 -25.12
C ILE B 311 -14.11 20.39 -24.77
N LEU B 312 -14.70 20.32 -23.59
CA LEU B 312 -15.45 19.17 -23.12
C LEU B 312 -16.76 19.66 -22.55
N VAL B 313 -17.84 18.90 -22.79
CA VAL B 313 -19.16 19.24 -22.26
C VAL B 313 -19.85 17.98 -21.80
N ALA B 314 -20.65 18.10 -20.74
CA ALA B 314 -21.51 17.03 -20.24
C ALA B 314 -22.86 17.64 -19.92
N LYS B 315 -23.84 17.40 -20.79
CA LYS B 315 -25.13 18.08 -20.66
C LYS B 315 -25.83 17.69 -19.35
N GLN B 316 -25.82 16.41 -19.01
CA GLN B 316 -26.40 15.92 -17.76
C GLN B 316 -25.32 15.17 -16.99
N ALA B 317 -24.80 15.80 -15.94
CA ALA B 317 -23.71 15.24 -15.15
C ALA B 317 -24.07 15.29 -13.68
N HIS B 318 -24.23 14.11 -13.07
CA HIS B 318 -24.45 14.04 -11.63
C HIS B 318 -23.17 14.45 -10.91
N VAL B 319 -23.32 15.36 -9.94
CA VAL B 319 -22.19 15.89 -9.18
C VAL B 319 -22.30 15.41 -7.74
N ASN B 320 -21.24 14.77 -7.25
CA ASN B 320 -21.23 14.25 -5.89
C ASN B 320 -21.08 15.42 -4.91
N ILE B 321 -21.15 15.10 -3.62
CA ILE B 321 -21.03 16.13 -2.59
C ILE B 321 -19.58 16.60 -2.52
N PRO B 322 -19.31 17.90 -2.60
CA PRO B 322 -17.93 18.38 -2.50
C PRO B 322 -17.33 18.05 -1.14
N THR B 323 -16.03 17.78 -1.15
CA THR B 323 -15.27 17.49 0.04
C THR B 323 -14.21 18.58 0.24
N ILE B 324 -14.15 19.13 1.44
CA ILE B 324 -13.19 20.20 1.72
C ILE B 324 -11.81 19.58 1.92
N GLU B 325 -10.83 20.07 1.16
CA GLU B 325 -9.45 19.63 1.26
C GLU B 325 -8.65 20.73 1.95
N THR B 326 -8.02 20.39 3.07
CA THR B 326 -7.37 21.37 3.93
C THR B 326 -5.91 21.55 3.52
N ASP B 327 -5.73 22.29 2.42
CA ASP B 327 -4.41 22.74 1.99
C ASP B 327 -4.06 24.02 2.75
N ASP B 328 -3.01 24.72 2.31
CA ASP B 328 -2.74 26.04 2.85
C ASP B 328 -3.88 26.99 2.54
N VAL B 329 -4.43 26.90 1.32
CA VAL B 329 -5.67 27.57 0.95
C VAL B 329 -6.71 26.50 0.70
N LEU B 330 -7.83 26.56 1.41
CA LEU B 330 -8.80 25.49 1.35
C LEU B 330 -9.42 25.38 -0.02
N GLY B 331 -9.57 24.15 -0.48
CA GLY B 331 -10.20 23.89 -1.77
C GLY B 331 -11.07 22.66 -1.70
N THR B 332 -12.16 22.69 -2.47
CA THR B 332 -13.10 21.59 -2.53
C THR B 332 -12.92 20.80 -3.83
N SER B 333 -12.98 19.48 -3.70
CA SER B 333 -12.87 18.58 -4.84
C SER B 333 -14.21 17.93 -5.10
N VAL B 334 -14.77 18.17 -6.27
CA VAL B 334 -16.05 17.59 -6.65
C VAL B 334 -15.81 16.52 -7.72
N GLU B 335 -16.60 15.47 -7.65
CA GLU B 335 -16.57 14.40 -8.64
C GLU B 335 -17.89 14.40 -9.41
N PHE B 336 -17.78 14.25 -10.72
CA PHE B 336 -18.96 14.29 -11.58
C PHE B 336 -18.91 13.13 -12.56
N LYS B 337 -20.03 12.45 -12.71
CA LYS B 337 -20.17 11.35 -13.67
C LYS B 337 -21.32 11.65 -14.60
N ALA B 338 -21.03 11.73 -15.91
CA ALA B 338 -22.05 12.03 -16.89
C ALA B 338 -23.09 10.91 -16.94
N ILE B 339 -24.36 11.30 -16.96
CA ILE B 339 -25.48 10.38 -16.99
C ILE B 339 -26.22 10.54 -18.31
N PRO B 340 -26.29 9.50 -19.15
CA PRO B 340 -27.06 9.62 -20.38
C PRO B 340 -28.56 9.63 -20.10
N SER B 341 -29.30 10.23 -21.03
CA SER B 341 -30.75 10.25 -20.93
C SER B 341 -31.34 9.02 -21.60
N ASP B 342 -32.32 8.40 -20.91
CA ASP B 342 -33.06 7.23 -21.37
C ASP B 342 -32.21 5.97 -21.41
N LEU B 343 -30.93 6.06 -21.07
CA LEU B 343 -30.02 4.91 -20.99
C LEU B 343 -29.83 4.23 -22.35
N ASP B 344 -30.34 4.83 -23.42
CA ASP B 344 -30.19 4.26 -24.76
C ASP B 344 -29.37 5.17 -25.66
N ALA B 345 -29.77 6.43 -25.83
CA ALA B 345 -29.00 7.35 -26.64
C ALA B 345 -27.76 7.82 -25.88
N GLY B 346 -26.73 8.20 -26.62
CA GLY B 346 -25.52 8.70 -26.01
C GLY B 346 -25.58 10.19 -25.77
N ASP B 347 -25.93 10.57 -24.54
CA ASP B 347 -26.04 11.97 -24.15
C ASP B 347 -25.17 12.28 -22.95
N GLU B 348 -24.18 11.43 -22.67
CA GLU B 348 -23.25 11.70 -21.58
C GLU B 348 -22.49 12.99 -21.83
N GLY B 349 -22.05 13.19 -23.06
CA GLY B 349 -21.32 14.39 -23.40
C GLY B 349 -20.68 14.23 -24.76
N TYR B 350 -19.83 15.19 -25.10
CA TYR B 350 -19.07 15.13 -26.33
C TYR B 350 -17.86 16.03 -26.22
N LEU B 351 -16.82 15.68 -26.96
CA LEU B 351 -15.54 16.37 -26.92
C LEU B 351 -15.40 17.22 -28.19
N GLY B 352 -14.75 18.36 -28.05
CA GLY B 352 -14.47 19.20 -29.20
C GLY B 352 -13.02 19.63 -29.25
N PHE B 353 -12.31 19.21 -30.29
CA PHE B 353 -10.91 19.58 -30.48
C PHE B 353 -10.78 20.42 -31.75
N SER B 354 -10.05 21.52 -31.60
CA SER B 354 -9.81 22.40 -32.73
C SER B 354 -8.70 23.37 -32.48
N SER B 355 -7.99 23.74 -33.52
CA SER B 355 -6.85 24.65 -33.37
C SER B 355 -7.27 26.08 -33.15
N LYS B 356 -8.48 26.46 -33.53
CA LYS B 356 -8.97 27.82 -33.39
C LYS B 356 -10.34 27.82 -32.73
N TYR B 357 -10.39 28.24 -31.48
CA TYR B 357 -11.65 28.53 -30.82
C TYR B 357 -11.70 30.01 -30.44
N THR B 358 -12.86 30.60 -30.67
CA THR B 358 -13.19 31.92 -30.14
C THR B 358 -14.26 31.73 -29.07
N ARG B 359 -14.66 32.84 -28.45
CA ARG B 359 -15.76 32.77 -27.49
C ARG B 359 -17.04 32.32 -28.18
N THR B 360 -17.29 32.81 -29.40
CA THR B 360 -18.49 32.44 -30.13
C THR B 360 -18.51 30.95 -30.47
N THR B 361 -17.37 30.40 -30.91
CA THR B 361 -17.32 28.99 -31.28
C THR B 361 -17.46 28.09 -30.05
N ILE B 362 -16.81 28.47 -28.94
CA ILE B 362 -16.95 27.72 -27.70
C ILE B 362 -18.41 27.72 -27.25
N ASN B 363 -19.06 28.89 -27.29
CA ASN B 363 -20.47 28.96 -26.94
C ASN B 363 -21.32 28.12 -27.88
N ASN B 364 -20.99 28.13 -29.17
CA ASN B 364 -21.69 27.28 -30.13
C ASN B 364 -21.61 25.82 -29.72
N LEU B 365 -20.41 25.32 -29.44
CA LEU B 365 -20.27 23.90 -29.13
C LEU B 365 -20.92 23.57 -27.79
N ILE B 366 -20.91 24.51 -26.85
CA ILE B 366 -21.56 24.28 -25.56
C ILE B 366 -23.07 24.17 -25.74
N VAL B 367 -23.66 25.06 -26.56
CA VAL B 367 -25.11 25.09 -26.71
C VAL B 367 -25.59 23.90 -27.54
N ASN B 368 -25.16 23.83 -28.80
CA ASN B 368 -25.53 22.72 -29.67
C ASN B 368 -24.27 21.97 -30.12
N GLY B 369 -24.48 20.89 -30.85
CA GLY B 369 -23.38 20.00 -31.20
C GLY B 369 -22.30 20.62 -32.04
N ASP B 370 -22.67 21.37 -33.08
CA ASP B 370 -21.72 21.88 -34.05
C ASP B 370 -21.25 23.25 -33.58
N GLY B 371 -20.19 23.77 -34.22
CA GLY B 371 -19.77 25.13 -33.99
C GLY B 371 -20.34 26.07 -35.03
N ALA B 372 -21.64 25.92 -35.32
CA ALA B 372 -22.25 26.70 -36.39
C ALA B 372 -22.93 27.97 -35.89
N THR B 373 -23.92 27.83 -35.01
CA THR B 373 -24.73 28.96 -34.58
C THR B 373 -25.12 28.80 -33.11
N ASP B 374 -25.55 29.89 -32.49
CA ASP B 374 -26.01 29.88 -31.10
C ASP B 374 -26.91 31.09 -31.02
N ALA B 375 -27.94 31.09 -30.18
CA ALA B 375 -28.84 32.24 -30.21
C ALA B 375 -28.27 33.58 -29.75
N VAL B 376 -27.65 33.65 -28.58
CA VAL B 376 -26.96 34.88 -28.11
C VAL B 376 -27.70 36.24 -28.14
N THR B 377 -29.01 36.27 -27.86
CA THR B 377 -29.80 37.52 -27.94
C THR B 377 -31.29 37.26 -27.72
N LEU C 3 -10.48 34.24 -1.18
CA LEU C 3 -9.95 32.94 -0.79
C LEU C 3 -9.96 32.80 0.72
N GLN C 4 -9.89 31.56 1.19
CA GLN C 4 -9.94 31.25 2.62
C GLN C 4 -8.69 30.47 3.02
N LEU C 5 -8.06 30.88 4.11
CA LEU C 5 -6.79 30.32 4.54
C LEU C 5 -6.99 29.35 5.70
N LEU C 6 -6.14 28.31 5.76
CA LEU C 6 -6.17 27.39 6.89
C LEU C 6 -5.56 28.00 8.13
N ARG C 7 -4.73 29.04 7.97
CA ARG C 7 -4.09 29.65 9.13
C ARG C 7 -5.10 30.32 10.04
N ASN C 8 -6.23 30.75 9.50
CA ASN C 8 -7.23 31.47 10.26
C ASN C 8 -8.32 30.57 10.84
N THR C 9 -8.20 29.25 10.68
CA THR C 9 -9.26 28.36 11.13
C THR C 9 -9.37 28.35 12.65
N ARG C 10 -10.62 28.36 13.13
CA ARG C 10 -10.93 28.23 14.55
C ARG C 10 -11.99 27.15 14.70
N ILE C 11 -11.84 26.33 15.74
CA ILE C 11 -12.78 25.24 16.01
C ILE C 11 -13.37 25.46 17.40
N PHE C 12 -14.68 25.65 17.47
CA PHE C 12 -15.38 25.87 18.71
C PHE C 12 -16.26 24.67 19.04
N VAL C 13 -16.33 24.34 20.33
CA VAL C 13 -17.08 23.19 20.82
C VAL C 13 -18.19 23.68 21.74
N SER C 14 -19.43 23.29 21.45
CA SER C 14 -20.59 23.73 22.22
C SER C 14 -21.54 22.56 22.43
N THR C 15 -22.43 22.70 23.41
CA THR C 15 -23.41 21.67 23.71
C THR C 15 -24.81 22.01 23.18
N VAL C 16 -25.20 23.27 23.13
CA VAL C 16 -26.54 23.67 22.73
C VAL C 16 -26.46 24.52 21.47
N LYS C 17 -27.46 24.37 20.60
CA LYS C 17 -27.46 25.07 19.32
C LYS C 17 -27.69 26.56 19.51
N THR C 18 -28.66 26.94 20.32
CA THR C 18 -29.10 28.34 20.39
C THR C 18 -28.19 29.18 21.28
N GLY C 19 -28.18 28.90 22.58
CA GLY C 19 -27.40 29.70 23.51
C GLY C 19 -25.91 29.51 23.34
N HIS C 20 -25.17 30.59 23.59
CA HIS C 20 -23.72 30.56 23.41
C HIS C 20 -23.01 31.56 24.33
N ASN C 21 -22.48 31.08 25.45
CA ASN C 21 -21.63 31.92 26.29
C ASN C 21 -20.30 31.24 26.55
N LYS C 22 -19.38 31.93 27.24
CA LYS C 22 -18.03 31.42 27.44
C LYS C 22 -18.00 30.13 28.25
N THR C 23 -18.96 29.96 29.17
CA THR C 23 -19.01 28.74 29.96
C THR C 23 -19.43 27.54 29.11
N ASN C 24 -20.44 27.72 28.26
CA ASN C 24 -20.99 26.61 27.50
C ASN C 24 -20.08 26.22 26.34
N THR C 25 -19.41 27.20 25.72
CA THR C 25 -18.56 26.93 24.58
C THR C 25 -17.24 27.69 24.71
N GLN C 26 -16.17 27.09 24.21
CA GLN C 26 -14.86 27.71 24.19
C GLN C 26 -14.20 27.43 22.84
N GLU C 27 -12.91 27.78 22.75
CA GLU C 27 -12.15 27.61 21.51
C GLU C 27 -11.09 26.55 21.72
N ILE C 28 -10.82 25.77 20.68
CA ILE C 28 -9.82 24.73 20.72
C ILE C 28 -8.60 25.18 19.92
N LEU C 29 -7.42 25.13 20.54
CA LEU C 29 -6.19 25.59 19.89
C LEU C 29 -5.67 24.49 18.95
N VAL C 30 -6.42 24.30 17.87
CA VAL C 30 -6.15 23.26 16.88
C VAL C 30 -4.83 23.52 16.16
N GLN C 31 -4.12 22.46 15.80
CA GLN C 31 -2.97 22.57 14.93
C GLN C 31 -3.40 22.58 13.47
N ASP C 32 -2.42 22.54 12.58
CA ASP C 32 -2.70 22.51 11.14
C ASP C 32 -2.90 21.09 10.65
N ASP C 33 -3.75 20.32 11.31
CA ASP C 33 -4.09 18.96 10.91
C ASP C 33 -5.60 18.76 10.80
N ILE C 34 -6.37 19.84 10.69
CA ILE C 34 -7.82 19.74 10.66
C ILE C 34 -8.25 19.05 9.38
N SER C 35 -9.24 18.16 9.50
CA SER C 35 -9.80 17.48 8.34
C SER C 35 -11.24 17.11 8.64
N TRP C 36 -12.19 17.75 7.98
CA TRP C 36 -13.60 17.46 8.15
C TRP C 36 -14.27 17.34 6.80
N GLY C 37 -15.50 16.86 6.82
CA GLY C 37 -16.27 16.68 5.60
C GLY C 37 -17.28 15.58 5.75
N GLN C 38 -18.08 15.41 4.70
CA GLN C 38 -19.12 14.40 4.67
C GLN C 38 -19.12 13.70 3.32
N ASP C 39 -19.54 12.44 3.32
CA ASP C 39 -19.58 11.62 2.12
C ASP C 39 -20.96 11.00 1.99
N SER C 40 -21.31 10.61 0.76
CA SER C 40 -22.60 10.02 0.47
C SER C 40 -22.42 8.68 -0.22
N ASN C 41 -23.37 7.78 0.02
CA ASN C 41 -23.39 6.46 -0.60
C ASN C 41 -24.22 6.53 -1.87
N SER C 42 -23.58 6.32 -3.02
CA SER C 42 -24.22 6.44 -4.32
C SER C 42 -24.21 5.08 -5.01
N THR C 43 -25.36 4.71 -5.57
CA THR C 43 -25.52 3.46 -6.29
C THR C 43 -25.67 3.74 -7.77
N ASP C 44 -24.92 3.02 -8.59
CA ASP C 44 -24.96 3.17 -10.05
C ASP C 44 -25.75 2.02 -10.66
N ILE C 45 -26.74 2.36 -11.47
CA ILE C 45 -27.59 1.38 -12.13
C ILE C 45 -27.09 1.16 -13.54
N THR C 46 -26.67 -0.07 -13.85
CA THR C 46 -26.19 -0.43 -15.17
C THR C 46 -27.03 -1.57 -15.73
N VAL C 47 -27.18 -1.59 -17.05
CA VAL C 47 -27.97 -2.60 -17.74
C VAL C 47 -27.03 -3.52 -18.50
N ASN C 48 -27.22 -4.83 -18.33
CA ASN C 48 -26.39 -5.85 -18.97
C ASN C 48 -27.32 -6.91 -19.56
N GLU C 49 -27.71 -6.72 -20.82
CA GLU C 49 -28.59 -7.65 -21.50
C GLU C 49 -27.93 -8.15 -22.78
N ALA C 50 -28.21 -9.41 -23.11
CA ALA C 50 -27.56 -10.03 -24.26
C ALA C 50 -28.35 -9.74 -25.54
N GLY C 51 -28.12 -8.55 -26.09
CA GLY C 51 -28.73 -8.19 -27.35
C GLY C 51 -27.70 -7.85 -28.40
N PRO C 52 -28.19 -7.54 -29.60
CA PRO C 52 -27.27 -7.15 -30.68
C PRO C 52 -26.78 -5.71 -30.51
N ARG C 53 -27.62 -4.88 -29.89
CA ARG C 53 -27.26 -3.50 -29.57
C ARG C 53 -27.37 -3.28 -28.08
N PRO C 54 -26.25 -3.31 -27.35
CA PRO C 54 -26.31 -3.13 -25.90
C PRO C 54 -26.72 -1.71 -25.52
N THR C 55 -27.33 -1.61 -24.35
CA THR C 55 -27.76 -0.33 -23.79
C THR C 55 -26.68 0.13 -22.82
N ARG C 56 -25.68 0.81 -23.34
CA ARG C 56 -24.52 1.25 -22.55
C ARG C 56 -24.84 2.60 -21.93
N GLY C 57 -25.24 2.59 -20.66
CA GLY C 57 -25.53 3.79 -19.92
C GLY C 57 -25.64 3.46 -18.45
N SER C 58 -25.55 4.49 -17.61
CA SER C 58 -25.56 4.26 -16.18
C SER C 58 -26.10 5.47 -15.41
N LYS C 59 -27.37 5.42 -15.03
CA LYS C 59 -27.91 6.41 -14.11
C LYS C 59 -27.30 6.20 -12.72
N ARG C 60 -26.97 7.31 -12.06
CA ARG C 60 -26.42 7.28 -10.72
C ARG C 60 -27.39 7.92 -9.75
N PHE C 61 -27.63 7.25 -8.63
CA PHE C 61 -28.56 7.71 -7.61
C PHE C 61 -27.84 7.85 -6.27
N ASN C 62 -28.14 8.92 -5.55
CA ASN C 62 -27.69 9.10 -4.18
C ASN C 62 -28.74 8.49 -3.25
N ASP C 63 -28.36 7.43 -2.53
CA ASP C 63 -29.31 6.67 -1.75
C ASP C 63 -29.25 6.97 -0.25
N SER C 64 -28.10 7.38 0.27
CA SER C 64 -27.99 7.64 1.70
C SER C 64 -26.76 8.51 1.96
N LEU C 65 -26.70 9.05 3.17
CA LEU C 65 -25.57 9.84 3.62
C LEU C 65 -24.79 9.07 4.69
N ASN C 66 -23.48 9.25 4.69
CA ASN C 66 -22.64 8.66 5.72
C ASN C 66 -22.62 9.59 6.93
N ALA C 67 -21.75 9.31 7.90
CA ALA C 67 -21.62 10.15 9.07
C ALA C 67 -20.46 11.13 8.88
N ALA C 68 -20.72 12.40 9.17
CA ALA C 68 -19.70 13.43 9.03
C ALA C 68 -18.51 13.14 9.93
N GLU C 69 -17.33 13.28 9.36
CA GLU C 69 -16.08 12.90 10.03
C GLU C 69 -15.20 14.14 10.19
N TRP C 70 -14.60 14.29 11.36
CA TRP C 70 -13.70 15.39 11.65
C TRP C 70 -12.58 14.87 12.54
N SER C 71 -11.35 15.33 12.29
CA SER C 71 -10.20 14.93 13.10
C SER C 71 -9.23 16.11 13.21
N PHE C 72 -9.35 16.89 14.28
CA PHE C 72 -8.37 17.93 14.54
C PHE C 72 -7.41 17.47 15.63
N SER C 73 -6.27 18.16 15.71
CA SER C 73 -5.17 17.77 16.60
C SER C 73 -4.80 18.96 17.48
N THR C 74 -5.41 19.04 18.66
CA THR C 74 -5.11 20.11 19.60
C THR C 74 -3.95 19.74 20.50
N TYR C 75 -3.64 20.61 21.46
CA TYR C 75 -2.54 20.42 22.38
C TYR C 75 -3.06 19.94 23.74
N ILE C 76 -2.12 19.53 24.59
CA ILE C 76 -2.43 19.18 25.98
C ILE C 76 -1.98 20.37 26.82
N LEU C 77 -2.94 21.16 27.28
CA LEU C 77 -2.65 22.43 27.93
C LEU C 77 -3.37 22.53 29.27
N PRO C 78 -2.92 21.84 30.31
CA PRO C 78 -3.57 22.00 31.62
C PRO C 78 -3.21 23.33 32.25
N TYR C 79 -4.18 24.24 32.35
CA TYR C 79 -3.94 25.57 32.89
C TYR C 79 -4.95 25.88 33.98
N LYS C 80 -4.51 26.68 34.95
CA LYS C 80 -5.39 27.09 36.04
C LYS C 80 -6.46 28.05 35.53
N ASP C 81 -7.70 27.84 35.99
CA ASP C 81 -8.83 28.66 35.58
C ASP C 81 -8.95 29.86 36.49
N LYS C 82 -9.04 31.06 35.89
CA LYS C 82 -9.11 32.29 36.68
C LYS C 82 -10.42 32.39 37.43
N ASN C 83 -11.52 32.00 36.79
CA ASN C 83 -12.84 32.11 37.41
C ASN C 83 -12.98 31.28 38.68
N THR C 84 -12.53 30.03 38.65
CA THR C 84 -12.53 29.17 39.83
C THR C 84 -11.17 28.49 39.89
N SER C 85 -10.54 28.47 41.06
CA SER C 85 -9.18 27.97 41.17
C SER C 85 -9.15 26.46 41.02
N LYS C 86 -9.51 25.97 39.84
CA LYS C 86 -9.46 24.55 39.49
C LYS C 86 -8.86 24.43 38.10
N GLN C 87 -7.79 23.64 37.98
CA GLN C 87 -7.06 23.58 36.72
C GLN C 87 -7.86 22.82 35.67
N ILE C 88 -8.02 23.43 34.50
CA ILE C 88 -8.86 22.93 33.43
C ILE C 88 -8.11 23.02 32.11
N VAL C 89 -8.20 21.97 31.32
CA VAL C 89 -7.64 21.97 29.97
C VAL C 89 -8.61 22.70 29.04
N PRO C 90 -8.14 23.33 27.96
CA PRO C 90 -9.06 24.09 27.10
C PRO C 90 -10.10 23.24 26.40
N ASP C 91 -9.88 21.93 26.29
CA ASP C 91 -10.81 21.03 25.61
C ASP C 91 -11.40 20.02 26.60
N TYR C 92 -11.79 20.49 27.78
CA TYR C 92 -12.32 19.59 28.80
C TYR C 92 -13.64 18.98 28.38
N MET C 93 -14.42 19.71 27.57
CA MET C 93 -15.70 19.17 27.11
C MET C 93 -15.52 17.98 26.19
N LEU C 94 -14.48 18.00 25.36
CA LEU C 94 -14.20 16.84 24.52
C LEU C 94 -13.85 15.62 25.37
N TRP C 95 -13.05 15.81 26.41
CA TRP C 95 -12.75 14.70 27.32
C TRP C 95 -14.01 14.20 28.00
N HIS C 96 -14.89 15.13 28.42
CA HIS C 96 -16.14 14.74 29.05
C HIS C 96 -17.01 13.92 28.11
N ALA C 97 -17.14 14.36 26.85
CA ALA C 97 -17.90 13.61 25.87
C ALA C 97 -17.26 12.26 25.58
N LEU C 98 -15.94 12.16 25.70
CA LEU C 98 -15.29 10.86 25.57
C LEU C 98 -15.63 9.95 26.75
N SER C 99 -15.75 10.54 27.93
CA SER C 99 -15.76 9.76 29.17
C SER C 99 -17.15 9.50 29.75
N SER C 100 -18.13 10.35 29.48
CA SER C 100 -19.41 10.19 30.17
C SER C 100 -20.54 10.67 29.28
N GLY C 101 -21.74 10.17 29.56
CA GLY C 101 -22.91 10.61 28.83
C GLY C 101 -23.67 11.72 29.54
N ARG C 102 -23.51 11.82 30.85
CA ARG C 102 -24.15 12.88 31.60
C ARG C 102 -23.51 14.23 31.26
N ALA C 103 -24.31 15.28 31.35
CA ALA C 103 -23.98 16.57 30.77
C ALA C 103 -23.26 17.47 31.76
N ILE C 104 -21.95 17.65 31.55
CA ILE C 104 -21.17 18.74 32.13
C ILE C 104 -21.31 18.82 33.64
N ASN C 105 -20.98 17.74 34.33
CA ASN C 105 -20.91 17.75 35.80
C ASN C 105 -19.44 17.84 36.20
N LEU C 106 -18.88 19.05 36.11
CA LEU C 106 -17.45 19.25 36.35
C LEU C 106 -17.04 18.87 37.77
N GLU C 107 -17.80 19.32 38.78
CA GLU C 107 -17.38 19.13 40.16
C GLU C 107 -17.64 17.72 40.68
N GLY C 108 -18.72 17.08 40.23
CA GLY C 108 -19.18 15.88 40.91
C GLY C 108 -18.62 14.55 40.43
N THR C 109 -17.31 14.35 40.59
CA THR C 109 -16.68 13.03 40.62
C THR C 109 -16.85 12.21 39.34
N THR C 110 -17.64 12.70 38.39
CA THR C 110 -17.96 11.91 37.20
C THR C 110 -16.85 11.99 36.16
N GLY C 111 -17.17 11.56 34.93
CA GLY C 111 -16.23 11.51 33.82
C GLY C 111 -15.25 12.66 33.70
N ALA C 112 -15.71 13.89 33.91
CA ALA C 112 -14.83 15.07 33.86
C ALA C 112 -14.88 15.73 35.24
N HIS C 113 -14.03 15.26 36.13
CA HIS C 113 -13.96 15.77 37.50
C HIS C 113 -12.66 16.52 37.71
N ASN C 114 -12.75 17.74 38.25
CA ASN C 114 -11.60 18.59 38.44
C ASN C 114 -11.55 19.07 39.89
N ASN C 115 -10.35 19.13 40.45
CA ASN C 115 -10.13 19.67 41.78
C ASN C 115 -9.26 20.91 41.67
N ALA C 116 -8.97 21.51 42.83
CA ALA C 116 -8.03 22.62 42.85
C ALA C 116 -6.64 22.17 42.41
N THR C 117 -6.27 20.95 42.73
CA THR C 117 -4.97 20.40 42.36
C THR C 117 -4.99 19.78 40.96
N ASN C 118 -5.94 18.89 40.70
CA ASN C 118 -5.88 18.05 39.51
C ASN C 118 -7.18 18.08 38.71
N PHE C 119 -7.02 18.11 37.39
CA PHE C 119 -8.11 17.73 36.49
C PHE C 119 -7.92 16.28 36.05
N MET C 120 -8.96 15.48 36.23
CA MET C 120 -8.83 14.05 35.99
C MET C 120 -10.07 13.53 35.28
N VAL C 121 -9.89 12.55 34.41
CA VAL C 121 -10.96 12.04 33.55
C VAL C 121 -11.20 10.57 33.91
N ASN C 122 -12.41 10.27 34.36
CA ASN C 122 -12.81 8.92 34.73
C ASN C 122 -13.72 8.35 33.64
N PHE C 123 -13.60 7.03 33.41
CA PHE C 123 -14.48 6.33 32.49
C PHE C 123 -15.49 5.45 33.21
N LYS C 124 -15.73 5.72 34.50
CA LYS C 124 -16.67 4.91 35.27
C LYS C 124 -18.10 5.07 34.76
N ASP C 125 -18.44 6.25 34.24
CA ASP C 125 -19.79 6.53 33.77
C ASP C 125 -19.92 6.37 32.26
N ASN C 126 -18.95 5.74 31.62
CA ASN C 126 -18.96 5.54 30.16
C ASN C 126 -19.75 4.28 29.83
N SER C 127 -21.06 4.34 30.10
CA SER C 127 -21.95 3.24 29.82
C SER C 127 -23.28 3.72 29.24
N TYR C 128 -23.22 4.64 28.27
CA TYR C 128 -24.42 5.18 27.64
C TYR C 128 -24.26 5.19 26.13
N HIS C 129 -25.36 4.94 25.42
CA HIS C 129 -25.41 5.26 24.01
C HIS C 129 -25.53 6.77 23.81
N GLU C 130 -25.09 7.24 22.64
CA GLU C 130 -25.16 8.66 22.32
C GLU C 130 -24.42 9.49 23.36
N LEU C 131 -23.11 9.31 23.44
CA LEU C 131 -22.28 9.87 24.51
C LEU C 131 -22.15 11.37 24.34
N ALA C 132 -22.96 12.13 25.09
CA ALA C 132 -22.76 13.57 25.29
C ALA C 132 -22.61 14.32 23.96
N MET C 133 -23.70 14.37 23.20
CA MET C 133 -23.70 15.08 21.93
C MET C 133 -23.14 16.48 22.08
N LEU C 134 -22.14 16.81 21.27
CA LEU C 134 -21.51 18.12 21.26
C LEU C 134 -21.55 18.69 19.85
N HIS C 135 -21.86 19.97 19.73
CA HIS C 135 -21.83 20.65 18.45
C HIS C 135 -20.51 21.39 18.28
N ILE C 136 -19.86 21.18 17.14
CA ILE C 136 -18.56 21.76 16.86
C ILE C 136 -18.70 22.77 15.73
N TYR C 137 -18.28 24.01 15.99
CA TYR C 137 -18.34 25.09 15.03
C TYR C 137 -16.95 25.33 14.46
N ILE C 138 -16.83 25.33 13.14
CA ILE C 138 -15.54 25.45 12.46
C ILE C 138 -15.53 26.74 11.66
N LEU C 139 -14.53 27.58 11.91
CA LEU C 139 -14.33 28.82 11.14
C LEU C 139 -13.36 28.54 10.00
N THR C 140 -13.91 28.13 8.85
CA THR C 140 -13.11 28.13 7.62
C THR C 140 -12.95 29.57 7.16
N ASP C 141 -11.90 30.22 7.67
CA ASP C 141 -11.75 31.68 7.60
C ASP C 141 -12.99 32.35 8.19
N LYS C 142 -13.84 32.91 7.34
CA LYS C 142 -15.11 33.52 7.78
C LYS C 142 -16.23 32.91 6.95
N THR C 143 -16.68 31.72 7.36
CA THR C 143 -17.91 31.14 6.83
C THR C 143 -18.77 30.50 7.90
N TRP C 144 -18.18 30.10 9.03
CA TRP C 144 -18.92 29.58 10.19
C TRP C 144 -19.72 28.32 9.87
N SER C 145 -19.05 27.26 9.43
CA SER C 145 -19.69 25.98 9.17
C SER C 145 -19.48 25.05 10.35
N TYR C 146 -20.55 24.38 10.79
CA TYR C 146 -20.47 23.51 11.94
C TYR C 146 -20.94 22.12 11.56
N ILE C 147 -20.67 21.17 12.46
CA ILE C 147 -21.13 19.78 12.32
C ILE C 147 -22.09 19.51 13.48
N ASP C 148 -23.25 18.95 13.16
CA ASP C 148 -24.35 18.83 14.10
C ASP C 148 -24.25 17.53 14.91
N SER C 149 -24.31 17.66 16.23
CA SER C 149 -24.38 16.52 17.14
C SER C 149 -23.20 15.58 16.97
N CYS C 150 -22.01 16.11 17.25
CA CYS C 150 -20.78 15.35 17.16
C CYS C 150 -20.55 14.59 18.47
N GLN C 151 -20.49 13.26 18.38
CA GLN C 151 -20.02 12.42 19.46
C GLN C 151 -18.67 11.86 19.07
N ILE C 152 -17.66 12.11 19.90
CA ILE C 152 -16.30 11.85 19.48
C ILE C 152 -16.01 10.36 19.52
N ASN C 153 -15.09 9.93 18.68
CA ASN C 153 -14.79 8.52 18.45
C ASN C 153 -13.44 8.10 19.00
N GLN C 154 -12.42 8.93 18.83
CA GLN C 154 -11.06 8.54 19.18
C GLN C 154 -10.29 9.73 19.73
N ALA C 155 -9.44 9.45 20.72
CA ALA C 155 -8.50 10.42 21.25
C ALA C 155 -7.14 9.75 21.40
N GLU C 156 -6.18 10.17 20.58
CA GLU C 156 -4.89 9.50 20.52
C GLU C 156 -3.79 10.43 21.01
N VAL C 157 -3.04 9.96 22.00
CA VAL C 157 -1.85 10.64 22.47
C VAL C 157 -0.64 9.92 21.90
N ASN C 158 0.24 10.68 21.25
CA ASN C 158 1.45 10.13 20.64
C ASN C 158 2.65 10.70 21.38
N VAL C 159 3.36 9.84 22.11
CA VAL C 159 4.57 10.27 22.81
C VAL C 159 5.69 10.27 21.78
N ASP C 160 5.89 11.41 21.11
CA ASP C 160 6.86 11.49 20.04
C ASP C 160 8.28 11.61 20.60
N ILE C 161 8.43 11.66 21.92
CA ILE C 161 9.74 11.79 22.59
C ILE C 161 10.52 13.04 22.24
N GLU C 162 10.03 13.85 21.31
CA GLU C 162 10.73 15.04 20.86
C GLU C 162 9.76 16.14 20.41
N ASP C 163 8.50 16.08 20.85
CA ASP C 163 7.50 17.06 20.44
C ASP C 163 6.54 17.28 21.59
N ILE C 164 5.82 18.40 21.54
CA ILE C 164 4.91 18.80 22.61
C ILE C 164 3.71 17.86 22.64
N GLY C 165 3.12 17.70 23.82
CA GLY C 165 1.98 16.81 23.96
C GLY C 165 0.77 17.32 23.19
N ARG C 166 0.26 16.46 22.31
CA ARG C 166 -0.88 16.79 21.47
C ARG C 166 -1.75 15.56 21.28
N VAL C 167 -3.04 15.73 21.48
CA VAL C 167 -4.03 14.69 21.24
C VAL C 167 -4.66 14.93 19.87
N THR C 168 -5.16 13.86 19.25
CA THR C 168 -5.75 13.93 17.91
C THR C 168 -7.15 13.34 17.98
N TRP C 169 -8.13 14.21 18.22
CA TRP C 169 -9.51 13.76 18.35
C TRP C 169 -10.06 13.31 17.00
N SER C 170 -11.12 12.50 17.07
CA SER C 170 -11.87 12.06 15.89
C SER C 170 -13.31 11.82 16.32
N GLY C 171 -14.25 12.22 15.48
CA GLY C 171 -15.66 12.08 15.84
C GLY C 171 -16.60 12.01 14.65
N ASN C 172 -17.71 11.29 14.83
CA ASN C 172 -18.66 11.11 13.74
C ASN C 172 -19.92 11.95 13.95
N GLY C 173 -19.96 13.14 13.36
CA GLY C 173 -21.13 13.99 13.45
C GLY C 173 -22.28 13.57 12.55
N ASN C 174 -23.49 13.98 12.89
CA ASN C 174 -24.66 13.63 12.08
C ASN C 174 -24.60 14.29 10.71
N GLN C 175 -24.40 15.60 10.67
CA GLN C 175 -24.49 16.35 9.43
C GLN C 175 -23.63 17.60 9.51
N LEU C 176 -23.10 18.02 8.37
CA LEU C 176 -22.29 19.23 8.27
C LEU C 176 -23.14 20.32 7.63
N ILE C 177 -23.43 21.37 8.39
CA ILE C 177 -24.34 22.44 7.97
C ILE C 177 -23.52 23.72 7.81
N PRO C 178 -23.57 24.37 6.64
CA PRO C 178 -22.72 25.55 6.41
C PRO C 178 -23.07 26.78 7.24
N LEU C 179 -24.33 27.21 7.22
CA LEU C 179 -24.80 28.43 7.87
C LEU C 179 -24.27 29.69 7.17
N ASP C 180 -25.19 30.57 6.77
CA ASP C 180 -24.78 31.84 6.16
C ASP C 180 -24.23 32.82 7.19
N GLU C 181 -24.84 32.87 8.37
CA GLU C 181 -24.53 33.88 9.37
C GLU C 181 -23.74 33.30 10.54
N GLN C 182 -23.20 34.20 11.36
CA GLN C 182 -22.43 33.78 12.53
C GLN C 182 -23.35 33.17 13.58
N PRO C 183 -23.00 32.00 14.14
CA PRO C 183 -23.75 31.51 15.29
C PRO C 183 -23.57 32.37 16.54
N PHE C 184 -22.31 32.67 16.89
CA PHE C 184 -22.04 33.51 18.06
C PHE C 184 -20.93 34.51 17.76
N ASP C 185 -20.45 35.19 18.81
CA ASP C 185 -19.39 36.19 18.66
C ASP C 185 -18.04 35.52 18.84
N PRO C 186 -17.19 35.51 17.80
CA PRO C 186 -15.97 34.68 17.87
C PRO C 186 -14.96 35.14 18.89
N ASP C 187 -14.53 36.41 18.83
CA ASP C 187 -13.37 36.83 19.64
C ASP C 187 -13.67 36.79 21.13
N GLN C 188 -14.88 37.19 21.53
CA GLN C 188 -15.22 37.17 22.95
C GLN C 188 -15.27 35.75 23.50
N ILE C 189 -15.83 34.82 22.72
CA ILE C 189 -15.92 33.43 23.15
C ILE C 189 -14.56 32.73 23.17
N GLY C 190 -13.69 33.01 22.21
CA GLY C 190 -12.47 32.24 22.07
C GLY C 190 -11.24 32.85 22.71
N ILE C 191 -10.52 31.98 23.44
CA ILE C 191 -9.19 32.17 24.02
C ILE C 191 -8.77 33.64 24.16
N ASP C 192 -8.83 34.15 25.39
CA ASP C 192 -8.34 35.49 25.69
C ASP C 192 -6.82 35.46 25.90
N ASP C 193 -6.21 36.65 25.86
CA ASP C 193 -4.76 36.73 26.01
C ASP C 193 -4.30 36.29 27.40
N GLU C 194 -5.05 36.66 28.44
CA GLU C 194 -4.65 36.29 29.80
C GLU C 194 -4.67 34.78 29.98
N THR C 195 -5.66 34.10 29.39
CA THR C 195 -5.66 32.64 29.40
C THR C 195 -4.53 32.09 28.54
N TYR C 196 -4.26 32.76 27.41
CA TYR C 196 -3.23 32.28 26.50
C TYR C 196 -1.84 32.33 27.13
N MET C 197 -1.62 33.26 28.07
CA MET C 197 -0.35 33.30 28.76
C MET C 197 -0.12 32.02 29.57
N THR C 198 -1.12 31.62 30.37
CA THR C 198 -1.00 30.39 31.14
C THR C 198 -0.90 29.18 30.21
N ILE C 199 -1.62 29.21 29.10
CA ILE C 199 -1.53 28.13 28.12
C ILE C 199 -0.11 28.00 27.59
N GLN C 200 0.51 29.12 27.23
CA GLN C 200 1.89 29.08 26.74
C GLN C 200 2.84 28.63 27.85
N GLY C 201 2.47 28.88 29.10
CA GLY C 201 3.27 28.39 30.20
C GLY C 201 3.05 26.94 30.59
N SER C 202 2.01 26.29 30.06
CA SER C 202 1.63 24.98 30.58
C SER C 202 2.03 23.84 29.65
N TYR C 203 2.87 24.10 28.66
CA TYR C 203 3.23 23.09 27.67
C TYR C 203 3.93 21.87 28.29
N ILE C 204 3.78 20.70 27.66
CA ILE C 204 4.37 19.45 28.12
C ILE C 204 5.35 18.99 27.05
N LYS C 205 6.59 18.69 27.45
CA LYS C 205 7.67 18.44 26.51
C LYS C 205 7.66 17.04 25.88
N ASN C 206 7.20 16.03 26.62
CA ASN C 206 7.19 14.62 26.22
C ASN C 206 8.58 13.99 26.21
N LYS C 207 9.63 14.78 26.43
CA LYS C 207 10.94 14.18 26.61
C LYS C 207 11.19 13.83 28.08
N LEU C 208 10.26 14.16 28.97
CA LEU C 208 10.36 13.85 30.38
C LEU C 208 9.38 12.75 30.81
N THR C 209 8.86 12.01 29.84
CA THR C 209 7.95 10.91 30.15
C THR C 209 8.69 9.79 30.86
N ILE C 210 8.04 9.23 31.88
CA ILE C 210 8.62 8.11 32.62
C ILE C 210 7.57 7.03 32.82
N LEU C 211 7.94 5.79 32.51
CA LEU C 211 7.02 4.66 32.67
C LEU C 211 7.11 4.09 34.08
N LYS C 212 6.00 3.54 34.55
CA LYS C 212 5.92 2.94 35.89
C LYS C 212 5.20 1.60 35.81
N ILE C 213 5.62 0.76 34.87
CA ILE C 213 5.03 -0.57 34.74
C ILE C 213 5.27 -1.37 36.01
N LYS C 214 4.19 -1.93 36.56
CA LYS C 214 4.27 -2.78 37.74
C LYS C 214 3.42 -4.02 37.51
N ASP C 215 3.90 -5.15 38.01
CA ASP C 215 3.20 -6.42 37.88
C ASP C 215 2.32 -6.63 39.11
N MET C 216 1.00 -6.63 38.90
CA MET C 216 0.09 -6.87 40.01
C MET C 216 0.20 -8.30 40.51
N ASP C 217 0.62 -9.22 39.65
CA ASP C 217 0.74 -10.61 40.05
C ASP C 217 1.89 -10.82 41.03
N THR C 218 3.02 -10.16 40.81
CA THR C 218 4.23 -10.39 41.58
C THR C 218 4.71 -9.16 42.33
N ASN C 219 3.99 -8.04 42.23
CA ASN C 219 4.36 -6.78 42.90
C ASN C 219 5.79 -6.38 42.55
N LYS C 220 6.09 -6.46 41.26
CA LYS C 220 7.42 -6.16 40.73
C LYS C 220 7.35 -4.92 39.86
N SER C 221 8.20 -3.94 40.15
CA SER C 221 8.20 -2.66 39.47
C SER C 221 9.38 -2.59 38.52
N TYR C 222 9.14 -2.14 37.28
CA TYR C 222 10.16 -2.05 36.26
C TYR C 222 10.53 -0.59 36.00
N ASP C 223 11.82 -0.33 35.85
CA ASP C 223 12.34 0.99 35.50
C ASP C 223 12.62 0.99 34.00
N ILE C 224 11.73 1.62 33.24
CA ILE C 224 11.76 1.57 31.78
C ILE C 224 11.94 2.99 31.26
N PRO C 225 13.04 3.30 30.57
CA PRO C 225 13.13 4.58 29.86
C PRO C 225 12.43 4.54 28.51
N ILE C 226 11.33 5.27 28.38
CA ILE C 226 10.56 5.24 27.14
C ILE C 226 11.31 5.98 26.04
N THR C 227 11.46 5.33 24.89
CA THR C 227 12.02 5.94 23.69
C THR C 227 10.94 6.28 22.67
N GLY C 228 9.68 6.24 23.09
CA GLY C 228 8.56 6.46 22.19
C GLY C 228 7.40 5.60 22.62
N GLY C 229 6.22 5.98 22.13
CA GLY C 229 5.03 5.27 22.51
C GLY C 229 3.80 5.83 21.81
N THR C 230 2.66 5.24 22.14
CA THR C 230 1.39 5.59 21.53
C THR C 230 0.29 5.25 22.53
N PHE C 231 -0.80 6.00 22.47
CA PHE C 231 -1.95 5.77 23.34
C PHE C 231 -3.20 6.21 22.61
N THR C 232 -4.28 5.46 22.79
CA THR C 232 -5.52 5.75 22.07
C THR C 232 -6.72 5.30 22.89
N ILE C 233 -7.79 6.09 22.85
CA ILE C 233 -9.09 5.72 23.38
C ILE C 233 -10.06 5.67 22.22
N ASN C 234 -10.79 4.56 22.10
CA ASN C 234 -11.62 4.32 20.91
C ASN C 234 -13.01 3.84 21.35
N ASN C 235 -13.92 4.80 21.54
CA ASN C 235 -15.33 4.45 21.68
C ASN C 235 -15.91 4.13 20.31
N ASN C 236 -15.97 2.84 19.99
CA ASN C 236 -16.38 2.39 18.66
C ASN C 236 -17.81 2.83 18.40
N ILE C 237 -17.98 3.81 17.52
CA ILE C 237 -19.29 4.36 17.18
C ILE C 237 -19.67 3.89 15.80
N THR C 238 -20.83 3.24 15.68
CA THR C 238 -21.38 2.81 14.41
C THR C 238 -22.74 3.46 14.21
N TYR C 239 -22.90 4.18 13.11
CA TYR C 239 -24.07 5.02 12.88
C TYR C 239 -25.14 4.24 12.13
N LEU C 240 -26.38 4.38 12.58
CA LEU C 240 -27.51 3.68 12.01
C LEU C 240 -28.23 4.61 11.03
N THR C 241 -28.22 4.25 9.75
CA THR C 241 -28.85 5.03 8.71
C THR C 241 -30.03 4.27 8.13
N PRO C 242 -31.24 4.83 8.20
CA PRO C 242 -32.39 4.17 7.55
C PRO C 242 -32.22 4.12 6.05
N ASN C 243 -32.77 3.07 5.45
CA ASN C 243 -32.66 2.82 4.02
C ASN C 243 -34.01 3.08 3.36
N VAL C 244 -34.15 4.26 2.76
CA VAL C 244 -35.34 4.63 2.00
C VAL C 244 -34.94 4.70 0.53
N MET C 245 -35.68 3.98 -0.32
CA MET C 245 -35.27 3.83 -1.71
C MET C 245 -35.31 5.15 -2.47
N SER C 246 -36.36 5.94 -2.28
CA SER C 246 -36.62 7.11 -3.11
C SER C 246 -36.25 8.42 -2.43
N ARG C 247 -35.47 8.38 -1.35
CA ARG C 247 -35.10 9.60 -0.66
C ARG C 247 -33.67 9.47 -0.15
N VAL C 248 -33.06 10.62 0.14
CA VAL C 248 -31.73 10.67 0.73
C VAL C 248 -31.89 10.77 2.24
N THR C 249 -31.35 9.79 2.96
CA THR C 249 -31.54 9.66 4.39
C THR C 249 -30.25 9.99 5.13
N ILE C 250 -30.36 10.77 6.19
CA ILE C 250 -29.23 11.12 7.05
C ILE C 250 -29.22 10.16 8.23
N PRO C 251 -28.07 9.88 8.84
CA PRO C 251 -28.04 8.94 9.97
C PRO C 251 -28.84 9.45 11.16
N ILE C 252 -29.47 8.53 11.86
CA ILE C 252 -30.19 8.82 13.10
C ILE C 252 -29.61 7.92 14.18
N GLY C 253 -29.33 8.51 15.34
CA GLY C 253 -28.71 7.78 16.42
C GLY C 253 -27.24 7.45 16.13
N SER C 254 -26.54 7.04 17.18
CA SER C 254 -25.12 6.71 17.02
C SER C 254 -24.71 5.40 17.67
N PHE C 255 -25.42 4.90 18.67
CA PHE C 255 -25.07 3.68 19.39
C PHE C 255 -23.64 3.82 19.95
N THR C 256 -23.07 2.71 20.43
CA THR C 256 -21.69 2.68 20.90
C THR C 256 -21.08 1.31 20.60
N GLY C 257 -19.84 1.10 21.05
CA GLY C 257 -19.17 -0.18 20.89
C GLY C 257 -18.40 -0.53 22.13
N ALA C 258 -17.27 -1.21 21.95
CA ALA C 258 -16.43 -1.63 23.06
C ALA C 258 -15.38 -0.56 23.33
N PHE C 259 -15.43 0.03 24.52
CA PHE C 259 -14.43 0.99 24.94
C PHE C 259 -13.06 0.32 24.94
N GLU C 260 -12.09 0.93 24.25
CA GLU C 260 -10.76 0.34 24.06
C GLU C 260 -9.69 1.37 24.44
N LEU C 261 -9.33 1.39 25.71
CA LEU C 261 -8.17 2.17 26.14
C LEU C 261 -6.92 1.39 25.80
N THR C 262 -6.28 1.72 24.68
CA THR C 262 -5.20 0.92 24.14
C THR C 262 -4.02 1.83 23.86
N GLY C 263 -2.84 1.23 23.78
CA GLY C 263 -1.64 1.99 23.47
C GLY C 263 -0.48 1.06 23.18
N SER C 264 0.66 1.70 22.89
CA SER C 264 1.88 0.96 22.62
C SER C 264 3.03 1.69 23.30
N LEU C 265 4.04 0.93 23.72
CA LEU C 265 5.18 1.49 24.43
C LEU C 265 6.45 0.87 23.85
N THR C 266 7.40 1.73 23.48
CA THR C 266 8.68 1.30 22.93
C THR C 266 9.79 1.79 23.85
N ALA C 267 10.73 0.89 24.15
CA ALA C 267 11.85 1.22 25.03
C ALA C 267 13.10 0.50 24.54
N TYR C 268 14.25 1.07 24.88
CA TYR C 268 15.53 0.45 24.56
C TYR C 268 15.78 -0.75 25.48
N LEU C 269 16.64 -1.64 25.03
CA LEU C 269 16.91 -2.89 25.74
C LEU C 269 18.06 -2.67 26.72
N ASN C 270 17.74 -2.67 28.01
CA ASN C 270 18.72 -2.57 29.08
C ASN C 270 18.75 -3.87 29.86
N ASP C 271 19.96 -4.39 30.08
CA ASP C 271 20.15 -5.66 30.77
C ASP C 271 20.37 -5.46 32.28
N LYS C 272 19.92 -4.33 32.81
CA LYS C 272 20.05 -4.05 34.23
C LYS C 272 18.94 -4.73 35.01
N SER C 273 18.92 -4.57 36.33
CA SER C 273 17.89 -5.14 37.19
C SER C 273 16.62 -4.33 37.05
N LEU C 274 15.48 -5.04 36.96
CA LEU C 274 14.18 -4.42 36.78
C LEU C 274 14.15 -3.57 35.52
N GLY C 275 14.90 -3.98 34.50
CA GLY C 275 14.98 -3.25 33.25
C GLY C 275 14.01 -3.79 32.21
N SER C 276 14.12 -3.22 31.01
CA SER C 276 13.26 -3.65 29.91
C SER C 276 13.51 -5.11 29.54
N MET C 277 14.78 -5.53 29.57
CA MET C 277 15.09 -6.92 29.23
C MET C 277 14.53 -7.88 30.27
N GLU C 278 14.50 -7.46 31.54
CA GLU C 278 13.87 -8.29 32.55
C GLU C 278 12.38 -8.44 32.31
N LEU C 279 11.71 -7.37 31.89
CA LEU C 279 10.30 -7.48 31.51
C LEU C 279 10.11 -8.40 30.32
N TYR C 280 10.99 -8.29 29.32
CA TYR C 280 10.90 -9.18 28.16
C TYR C 280 11.05 -10.63 28.57
N LYS C 281 12.04 -10.92 29.43
CA LYS C 281 12.25 -12.29 29.90
C LYS C 281 11.07 -12.79 30.71
N ASP C 282 10.51 -11.93 31.56
CA ASP C 282 9.36 -12.33 32.37
C ASP C 282 8.15 -12.67 31.50
N LEU C 283 7.92 -11.87 30.44
CA LEU C 283 6.75 -12.11 29.61
C LEU C 283 6.97 -13.31 28.68
N ILE C 284 8.19 -13.50 28.18
CA ILE C 284 8.42 -14.58 27.23
C ILE C 284 8.56 -15.92 27.94
N LYS C 285 9.13 -15.93 29.15
CA LYS C 285 9.34 -17.19 29.85
C LYS C 285 8.05 -17.71 30.45
N THR C 286 7.25 -16.84 31.05
CA THR C 286 5.99 -17.23 31.68
C THR C 286 4.85 -16.86 30.74
N LEU C 287 4.11 -17.87 30.30
CA LEU C 287 2.97 -17.68 29.41
C LEU C 287 1.69 -17.74 30.25
N LYS C 288 0.97 -16.63 30.31
CA LYS C 288 -0.26 -16.55 31.07
C LYS C 288 -1.42 -16.14 30.16
N VAL C 289 -2.59 -16.68 30.45
CA VAL C 289 -3.78 -16.35 29.65
C VAL C 289 -4.11 -14.87 29.79
N VAL C 290 -4.09 -14.35 31.02
CA VAL C 290 -4.40 -12.96 31.30
C VAL C 290 -3.26 -12.36 32.12
N ASN C 291 -2.79 -11.20 31.70
CA ASN C 291 -1.79 -10.44 32.44
C ASN C 291 -2.44 -9.27 33.14
N ARG C 292 -1.95 -8.96 34.33
CA ARG C 292 -2.44 -7.84 35.12
C ARG C 292 -1.27 -6.90 35.41
N PHE C 293 -1.23 -5.79 34.68
CA PHE C 293 -0.16 -4.81 34.80
C PHE C 293 -0.75 -3.47 35.19
N GLU C 294 0.00 -2.71 35.98
CA GLU C 294 -0.33 -1.33 36.29
C GLU C 294 0.64 -0.43 35.54
N ILE C 295 0.15 0.22 34.49
CA ILE C 295 0.97 1.02 33.59
C ILE C 295 0.62 2.48 33.82
N ALA C 296 1.63 3.30 34.11
CA ALA C 296 1.44 4.71 34.36
C ALA C 296 2.25 5.52 33.36
N LEU C 297 1.57 6.21 32.46
CA LEU C 297 2.19 7.10 31.49
C LEU C 297 2.11 8.53 32.01
N VAL C 298 3.23 9.06 32.48
CA VAL C 298 3.33 10.43 32.95
C VAL C 298 4.07 11.24 31.90
N LEU C 299 3.34 12.06 31.14
CA LEU C 299 3.97 12.81 30.06
C LEU C 299 5.02 13.77 30.58
N GLY C 300 4.72 14.47 31.67
CA GLY C 300 5.71 15.25 32.36
C GLY C 300 6.56 14.39 33.28
N GLY C 301 7.56 15.02 33.88
CA GLY C 301 8.39 14.31 34.83
C GLY C 301 7.77 14.29 36.22
N GLU C 302 8.31 13.42 37.06
CA GLU C 302 7.94 13.39 38.48
C GLU C 302 9.01 14.15 39.25
N TYR C 303 8.88 15.47 39.28
CA TYR C 303 9.88 16.34 39.87
C TYR C 303 9.42 16.78 41.25
N ASP C 304 10.38 17.05 42.13
CA ASP C 304 10.11 17.59 43.45
C ASP C 304 9.87 19.09 43.30
N ASP C 305 8.90 19.43 42.47
CA ASP C 305 8.59 20.82 42.12
C ASP C 305 7.28 20.84 41.35
N GLU C 306 6.71 22.03 41.14
CA GLU C 306 5.45 22.17 40.43
C GLU C 306 5.74 22.26 38.94
N ARG C 307 5.47 21.18 38.22
CA ARG C 307 5.71 21.10 36.78
C ARG C 307 4.45 20.57 36.10
N PRO C 308 4.15 21.04 34.90
CA PRO C 308 3.00 20.51 34.16
C PRO C 308 3.25 19.08 33.73
N ALA C 309 2.16 18.31 33.69
CA ALA C 309 2.22 16.90 33.28
C ALA C 309 0.82 16.45 32.93
N ALA C 310 0.76 15.38 32.12
CA ALA C 310 -0.50 14.74 31.72
C ALA C 310 -0.36 13.26 32.06
N ILE C 311 -0.67 12.91 33.31
CA ILE C 311 -0.46 11.54 33.76
C ILE C 311 -1.56 10.63 33.22
N LEU C 312 -1.20 9.38 32.99
CA LEU C 312 -2.11 8.32 32.57
C LEU C 312 -1.87 7.12 33.46
N VAL C 313 -2.93 6.40 33.80
CA VAL C 313 -2.83 5.17 34.60
C VAL C 313 -3.82 4.16 34.07
N ALA C 314 -3.42 2.89 34.11
CA ALA C 314 -4.31 1.75 33.83
C ALA C 314 -4.06 0.72 34.91
N LYS C 315 -5.02 0.58 35.83
CA LYS C 315 -4.80 -0.24 37.02
C LYS C 315 -4.51 -1.70 36.65
N GLN C 316 -5.32 -2.27 35.76
CA GLN C 316 -5.05 -3.59 35.20
C GLN C 316 -5.09 -3.48 33.69
N ALA C 317 -4.00 -3.87 33.03
CA ALA C 317 -3.86 -3.77 31.58
C ALA C 317 -3.12 -4.99 31.07
N HIS C 318 -3.78 -5.74 30.18
CA HIS C 318 -3.11 -6.87 29.53
C HIS C 318 -1.99 -6.38 28.65
N VAL C 319 -0.81 -6.98 28.79
CA VAL C 319 0.37 -6.59 28.03
C VAL C 319 0.73 -7.73 27.09
N ASN C 320 0.83 -7.42 25.80
CA ASN C 320 1.16 -8.42 24.80
C ASN C 320 2.64 -8.77 24.92
N ILE C 321 3.06 -9.79 24.17
CA ILE C 321 4.44 -10.23 24.20
C ILE C 321 5.32 -9.19 23.52
N PRO C 322 6.38 -8.71 24.16
CA PRO C 322 7.26 -7.72 23.53
C PRO C 322 7.92 -8.30 22.27
N THR C 323 8.10 -7.42 21.29
CA THR C 323 8.74 -7.77 20.03
C THR C 323 10.03 -6.99 19.90
N ILE C 324 11.12 -7.68 19.59
CA ILE C 324 12.42 -7.05 19.47
C ILE C 324 12.50 -6.32 18.12
N GLU C 325 12.77 -5.02 18.18
CA GLU C 325 12.95 -4.20 16.98
C GLU C 325 14.43 -3.91 16.81
N THR C 326 14.96 -4.25 15.64
CA THR C 326 16.41 -4.19 15.39
C THR C 326 16.79 -2.83 14.82
N ASP C 327 16.91 -1.86 15.72
CA ASP C 327 17.46 -0.56 15.39
C ASP C 327 18.98 -0.62 15.54
N ASP C 328 19.64 0.54 15.52
CA ASP C 328 21.06 0.58 15.86
C ASP C 328 21.29 0.13 17.29
N VAL C 329 20.42 0.57 18.20
CA VAL C 329 20.36 0.08 19.56
C VAL C 329 19.03 -0.65 19.71
N LEU C 330 19.09 -1.92 20.08
CA LEU C 330 17.90 -2.76 20.06
C LEU C 330 16.85 -2.28 21.05
N GLY C 331 15.61 -2.26 20.62
CA GLY C 331 14.51 -1.85 21.49
C GLY C 331 13.30 -2.73 21.25
N THR C 332 12.55 -2.96 22.33
CA THR C 332 11.35 -3.76 22.28
C THR C 332 10.11 -2.89 22.40
N SER C 333 9.09 -3.23 21.62
CA SER C 333 7.83 -2.52 21.62
C SER C 333 6.76 -3.40 22.26
N VAL C 334 6.15 -2.92 23.33
CA VAL C 334 5.10 -3.64 24.02
C VAL C 334 3.77 -2.96 23.74
N GLU C 335 2.72 -3.77 23.62
CA GLU C 335 1.37 -3.28 23.42
C GLU C 335 0.53 -3.65 24.64
N PHE C 336 -0.27 -2.69 25.09
CA PHE C 336 -1.08 -2.90 26.29
C PHE C 336 -2.49 -2.39 26.03
N LYS C 337 -3.48 -3.17 26.44
CA LYS C 337 -4.88 -2.79 26.32
C LYS C 337 -5.53 -2.89 27.69
N ALA C 338 -6.01 -1.77 28.20
CA ALA C 338 -6.64 -1.76 29.52
C ALA C 338 -7.91 -2.61 29.51
N ILE C 339 -8.05 -3.44 30.53
CA ILE C 339 -9.17 -4.37 30.65
C ILE C 339 -10.00 -3.95 31.86
N PRO C 340 -11.28 -3.60 31.67
CA PRO C 340 -12.12 -3.27 32.82
C PRO C 340 -12.40 -4.50 33.68
N SER C 341 -12.65 -4.25 34.96
CA SER C 341 -13.03 -5.32 35.87
C SER C 341 -14.54 -5.54 35.84
N ASP C 342 -14.94 -6.81 35.77
CA ASP C 342 -16.33 -7.26 35.76
C ASP C 342 -17.08 -6.83 34.51
N LEU C 343 -16.41 -6.17 33.55
CA LEU C 343 -17.00 -5.80 32.27
C LEU C 343 -18.18 -4.84 32.41
N ASP C 344 -18.43 -4.34 33.61
CA ASP C 344 -19.53 -3.42 33.85
C ASP C 344 -19.04 -2.05 34.30
N ALA C 345 -18.26 -2.00 35.38
CA ALA C 345 -17.73 -0.72 35.85
C ALA C 345 -16.59 -0.26 34.95
N GLY C 346 -16.36 1.05 34.93
CA GLY C 346 -15.25 1.59 34.18
C GLY C 346 -13.98 1.63 35.00
N ASP C 347 -13.13 0.61 34.82
CA ASP C 347 -11.88 0.50 35.56
C ASP C 347 -10.69 0.31 34.62
N GLU C 348 -10.88 0.66 33.35
CA GLU C 348 -9.79 0.57 32.39
C GLU C 348 -8.64 1.48 32.80
N GLY C 349 -8.97 2.69 33.21
CA GLY C 349 -7.96 3.64 33.64
C GLY C 349 -8.57 5.01 33.76
N TYR C 350 -7.70 5.98 34.03
CA TYR C 350 -8.13 7.37 34.13
C TYR C 350 -6.95 8.28 33.84
N LEU C 351 -7.26 9.48 33.36
CA LEU C 351 -6.27 10.46 32.95
C LEU C 351 -6.20 11.55 34.01
N GLY C 352 -5.02 12.13 34.17
CA GLY C 352 -4.86 13.24 35.08
C GLY C 352 -4.09 14.40 34.46
N PHE C 353 -4.73 15.55 34.33
CA PHE C 353 -4.12 16.74 33.78
C PHE C 353 -4.07 17.83 34.85
N SER C 354 -2.91 18.46 35.00
CA SER C 354 -2.80 19.60 35.90
C SER C 354 -1.55 20.39 35.53
N SER C 355 -1.59 21.69 35.81
CA SER C 355 -0.45 22.55 35.55
C SER C 355 0.67 22.36 36.54
N LYS C 356 0.38 21.80 37.72
CA LYS C 356 1.37 21.60 38.77
C LYS C 356 1.29 20.16 39.25
N TYR C 357 2.29 19.36 38.87
CA TYR C 357 2.41 18.00 39.36
C TYR C 357 3.72 17.86 40.12
N THR C 358 3.64 17.20 41.27
CA THR C 358 4.80 16.87 42.07
C THR C 358 4.91 15.35 42.16
N ARG C 359 6.00 14.88 42.75
CA ARG C 359 6.13 13.43 42.97
C ARG C 359 5.02 12.92 43.87
N THR C 360 4.71 13.68 44.93
CA THR C 360 3.66 13.26 45.85
C THR C 360 2.30 13.23 45.16
N THR C 361 1.98 14.24 44.35
CA THR C 361 0.68 14.28 43.69
C THR C 361 0.57 13.21 42.61
N ILE C 362 1.66 12.98 41.87
CA ILE C 362 1.67 11.91 40.87
C ILE C 362 1.46 10.56 41.54
N ASN C 363 2.16 10.31 42.65
CA ASN C 363 1.97 9.07 43.38
C ASN C 363 0.54 8.96 43.92
N ASN C 364 -0.03 10.09 44.37
CA ASN C 364 -1.42 10.10 44.81
C ASN C 364 -2.34 9.64 43.71
N LEU C 365 -2.23 10.24 42.52
CA LEU C 365 -3.12 9.87 41.42
C LEU C 365 -2.89 8.42 41.00
N ILE C 366 -1.65 7.94 41.09
CA ILE C 366 -1.40 6.54 40.75
C ILE C 366 -2.09 5.61 41.75
N VAL C 367 -2.05 5.96 43.04
CA VAL C 367 -2.68 5.13 44.05
C VAL C 367 -4.20 5.23 43.98
N ASN C 368 -4.75 6.42 44.20
CA ASN C 368 -6.18 6.64 44.15
C ASN C 368 -6.53 7.70 43.11
N GLY C 369 -7.83 7.88 42.87
CA GLY C 369 -8.30 8.69 41.76
C GLY C 369 -7.87 10.14 41.72
N ASP C 370 -7.61 10.74 42.86
CA ASP C 370 -7.32 12.17 42.91
C ASP C 370 -5.96 12.37 43.59
N GLY C 371 -5.54 13.63 43.70
CA GLY C 371 -4.33 13.94 44.43
C GLY C 371 -4.61 14.38 45.85
N ALA C 372 -5.33 13.54 46.61
CA ALA C 372 -5.71 13.91 47.97
C ALA C 372 -4.74 13.37 49.02
N THR C 373 -4.60 12.05 49.09
CA THR C 373 -3.78 11.42 50.11
C THR C 373 -3.12 10.17 49.54
N ASP C 374 -2.12 9.63 50.25
CA ASP C 374 -1.43 8.42 49.82
C ASP C 374 -0.75 7.86 51.04
N ALA C 375 -0.70 6.54 51.22
CA ALA C 375 -0.13 6.03 52.45
C ALA C 375 1.34 6.37 52.60
N VAL C 376 2.15 6.17 51.57
CA VAL C 376 3.58 6.58 51.60
C VAL C 376 4.39 6.16 52.85
N THR C 377 4.34 4.88 53.20
CA THR C 377 5.09 4.38 54.36
C THR C 377 4.92 5.18 55.66
#